data_5KZX
#
_entry.id   5KZX
#
_cell.length_a   97.110
_cell.length_b   102.590
_cell.length_c   128.550
_cell.angle_alpha   90.00
_cell.angle_beta   90.00
_cell.angle_gamma   90.00
#
_symmetry.space_group_name_H-M   'P 21 21 21'
#
loop_
_entity.id
_entity.type
_entity.pdbx_description
1 polymer 'Lysosomal alpha-glucosidase'
2 branched 2-acetamido-2-deoxy-beta-D-glucopyranose-(1-4)-[alpha-D-fucopyranose-(1-6)]2-acetamido-2-deoxy-beta-D-glucopyranose
3 branched 2-acetamido-2-deoxy-beta-D-glucopyranose-(1-4)-2-acetamido-2-deoxy-beta-D-glucopyranose
4 branched beta-D-mannopyranose-(1-4)-2-acetamido-2-deoxy-beta-D-glucopyranose-(1-4)-2-acetamido-2-deoxy-beta-D-glucopyranose
5 branched alpha-D-fucopyranose-(1-6)-2-acetamido-2-deoxy-beta-D-glucopyranose
6 non-polymer 2-acetamido-2-deoxy-beta-D-glucopyranose
7 non-polymer alpha-D-glucopyranose
8 non-polymer beta-D-glucopyranose
9 non-polymer 1,2-ETHANEDIOL
10 non-polymer 'TRIETHYLENE GLYCOL'
11 non-polymer DI(HYDROXYETHYL)ETHER
12 non-polymer 'SULFATE ION'
13 water water
#
_entity_poly.entity_id   1
_entity_poly.type   'polypeptide(L)'
_entity_poly.pdbx_seq_one_letter_code
;PTQCDVPPNSRFDCAPDKAITQEQCEARGCCYIPAKQGLQGAQMGQPWCFFPPSYPSYKLENLSSSEMGYTATLTRTTPT
FFPKDILTLRLDVMMETENRLHFTIKDPANRRYEVPLETPHVHSRAPSPLYSVEFSEEPFGVIVHRQLDGRVLLNTTVAP
LFFADQFLQLSTSLPSQYITGLAEHLSPLMLSTSWTRITLWNRDLAPTPGANLYGSHPFYLALEDGGSAHGVFLLNSNAM
DVVLQPSPALSWRSTGGILDVYIFLGPEPKSVVQQYLDVVGYPFMPPYWGLGFHLCRWGYSSTAITRQVVENMTRAHFPL
DVQWNDLDYMDSRRDFTFNKDGFRDFPAMVQELHQGGRRYMMIVDPAISSSGPAGSYRPYDEGLRRGVFITNETGQPLIG
KVWPGSTAFPDFTNPTALAWWEDMVAEFHDQVPFDGMWIDMNEPSNFIRGSEDGCPNNELENPPYVPGVVGGTLQAATIC
ASSHQFLSTHYNLHNLYGLTEAIASHRALVKARGTRPFVISRSTFAGHGRYAGHWTGDVWSSWEQLASSVPEILQFNLLG
VPLVGADVCGFLGNTSEELCVRWTQLGAFYPFMRNHNSLLSLPQEPYSFSEPAQQAMRKALTLRYALLPHLYTLFHQAHV
AGETVARPLFLEFPKDSSTWTVDHQLLWGEALLITPVLQAGKAEVTGYFPLGTWYDLQTVPIEALGSLPPPPAAPREPAI
HSEGQWVTLPAPLDTINVHLRAGYIIPLQGPGLTTTESRQQPMALAVALTKGGEARGELFWDDGESLEVLERGAYTQVIF
LARNNTIVNELVRVTSEGAGLQLQKVTVLGVATAPQQVLSNGVPVSNFTYSPDTKVLDICVSLLMGEQFLVSWC
;
_entity_poly.pdbx_strand_id   A
#
# COMPACT_ATOMS: atom_id res chain seq x y z
N PRO A 1 -23.87 0.93 -41.42
CA PRO A 1 -23.53 2.33 -41.68
C PRO A 1 -22.01 2.63 -41.67
N THR A 2 -21.59 3.63 -42.45
CA THR A 2 -20.17 4.07 -42.56
C THR A 2 -19.53 4.37 -41.20
N GLN A 3 -20.21 5.23 -40.45
CA GLN A 3 -19.74 5.69 -39.14
C GLN A 3 -19.72 4.54 -38.10
N CYS A 4 -20.47 3.46 -38.32
CA CYS A 4 -20.47 2.30 -37.41
C CYS A 4 -19.37 1.27 -37.64
N ASP A 5 -18.48 1.56 -38.59
CA ASP A 5 -17.34 0.71 -38.91
C ASP A 5 -16.20 0.99 -37.92
N VAL A 6 -16.37 0.55 -36.69
CA VAL A 6 -15.42 0.79 -35.62
C VAL A 6 -14.83 -0.56 -35.21
N PRO A 7 -13.50 -0.68 -35.16
CA PRO A 7 -12.95 -1.97 -34.74
C PRO A 7 -13.49 -2.44 -33.37
N PRO A 8 -13.85 -3.74 -33.26
CA PRO A 8 -14.46 -4.29 -32.05
C PRO A 8 -13.79 -3.87 -30.73
N ASN A 9 -12.47 -3.97 -30.68
CA ASN A 9 -11.73 -3.61 -29.45
C ASN A 9 -11.77 -2.13 -29.08
N SER A 10 -12.10 -1.27 -30.05
CA SER A 10 -12.17 0.18 -29.88
C SER A 10 -13.59 0.73 -29.73
N ARG A 11 -14.56 -0.15 -29.51
CA ARG A 11 -15.94 0.27 -29.29
C ARG A 11 -16.11 0.64 -27.82
N PHE A 12 -16.61 1.86 -27.58
CA PHE A 12 -16.90 2.31 -26.23
C PHE A 12 -18.41 2.29 -26.00
N ASP A 13 -18.80 1.86 -24.81
CA ASP A 13 -20.18 1.52 -24.50
C ASP A 13 -21.09 2.75 -24.44
N CYS A 14 -22.11 2.75 -25.29
CA CYS A 14 -23.12 3.79 -25.31
C CYS A 14 -24.37 3.40 -24.49
N ALA A 15 -24.37 2.19 -23.91
CA ALA A 15 -25.37 1.84 -22.89
C ALA A 15 -24.73 1.29 -21.62
N PRO A 16 -23.89 2.13 -20.94
CA PRO A 16 -23.29 1.71 -19.67
C PRO A 16 -24.27 1.79 -18.50
N ASP A 17 -25.39 2.47 -18.71
CA ASP A 17 -26.39 2.72 -17.68
C ASP A 17 -27.47 1.64 -17.55
N LYS A 18 -27.74 0.89 -18.63
CA LYS A 18 -28.85 -0.08 -18.64
C LYS A 18 -28.81 -1.00 -19.85
N ALA A 19 -29.60 -2.06 -19.76
CA ALA A 19 -29.85 -2.94 -20.89
C ALA A 19 -30.60 -2.14 -21.94
N ILE A 20 -30.18 -2.27 -23.20
CA ILE A 20 -30.72 -1.48 -24.28
C ILE A 20 -31.16 -2.41 -25.42
N THR A 21 -32.22 -2.01 -26.13
CA THR A 21 -32.59 -2.64 -27.39
C THR A 21 -31.88 -1.95 -28.56
N GLN A 22 -31.91 -2.57 -29.73
CA GLN A 22 -31.32 -1.97 -30.93
C GLN A 22 -31.97 -0.62 -31.28
N GLU A 23 -33.29 -0.53 -31.13
CA GLU A 23 -34.02 0.68 -31.49
C GLU A 23 -33.61 1.82 -30.56
N GLN A 24 -33.55 1.57 -29.26
CA GLN A 24 -33.12 2.55 -28.26
C GLN A 24 -31.65 2.99 -28.44
N CYS A 25 -30.80 2.02 -28.75
CA CYS A 25 -29.40 2.30 -29.06
C CYS A 25 -29.32 3.28 -30.20
N GLU A 26 -30.00 2.95 -31.30
CA GLU A 26 -30.00 3.81 -32.47
C GLU A 26 -30.63 5.17 -32.21
N ALA A 27 -31.66 5.23 -31.36
CA ALA A 27 -32.30 6.52 -31.04
C ALA A 27 -31.39 7.41 -30.17
N ARG A 28 -30.46 6.81 -29.41
CA ARG A 28 -29.38 7.58 -28.77
C ARG A 28 -28.36 8.17 -29.73
N GLY A 29 -28.44 7.82 -31.02
CA GLY A 29 -27.41 8.19 -31.98
C GLY A 29 -26.19 7.27 -31.91
N CYS A 30 -26.42 6.04 -31.46
CA CYS A 30 -25.36 5.04 -31.35
C CYS A 30 -25.51 3.87 -32.33
N CYS A 31 -24.43 3.09 -32.44
CA CYS A 31 -24.32 1.95 -33.34
C CYS A 31 -24.66 0.66 -32.62
N TYR A 32 -25.46 -0.21 -33.26
CA TYR A 32 -25.83 -1.49 -32.63
C TYR A 32 -25.28 -2.66 -33.44
N ILE A 33 -24.28 -3.35 -32.90
CA ILE A 33 -23.69 -4.53 -33.53
C ILE A 33 -23.42 -5.55 -32.44
N PRO A 34 -24.17 -6.66 -32.43
CA PRO A 34 -23.87 -7.64 -31.40
C PRO A 34 -22.46 -8.26 -31.53
N ALA A 35 -21.79 -8.49 -30.40
CA ALA A 35 -20.56 -9.28 -30.39
C ALA A 35 -20.94 -10.65 -30.94
N LYS A 36 -19.96 -11.37 -31.46
CA LYS A 36 -20.25 -12.65 -32.08
C LYS A 36 -20.23 -13.83 -31.09
N GLN A 37 -19.91 -13.54 -29.83
CA GLN A 37 -19.96 -14.53 -28.75
C GLN A 37 -20.08 -13.77 -27.43
N MET A 44 -18.86 -7.86 -17.83
CA MET A 44 -19.12 -7.21 -19.15
C MET A 44 -18.20 -7.73 -20.25
N GLY A 45 -18.59 -7.45 -21.49
CA GLY A 45 -17.77 -7.73 -22.66
C GLY A 45 -17.76 -6.52 -23.59
N GLN A 46 -17.35 -6.75 -24.83
CA GLN A 46 -17.44 -5.77 -25.88
C GLN A 46 -18.86 -5.20 -26.01
N PRO A 47 -18.99 -3.85 -26.05
CA PRO A 47 -20.33 -3.30 -26.08
C PRO A 47 -21.01 -3.52 -27.42
N TRP A 48 -22.24 -4.01 -27.36
CA TRP A 48 -23.08 -4.17 -28.53
C TRP A 48 -23.58 -2.80 -29.00
N CYS A 49 -23.72 -1.87 -28.07
CA CYS A 49 -24.20 -0.50 -28.36
C CYS A 49 -23.05 0.45 -28.11
N PHE A 50 -22.58 1.11 -29.16
CA PHE A 50 -21.36 1.90 -29.06
C PHE A 50 -21.40 3.22 -29.83
N PHE A 51 -20.51 4.13 -29.46
CA PHE A 51 -20.50 5.49 -30.04
C PHE A 51 -19.87 5.47 -31.42
N PRO A 52 -20.53 6.05 -32.45
CA PRO A 52 -19.76 6.33 -33.67
C PRO A 52 -18.76 7.46 -33.38
N PRO A 53 -17.74 7.63 -34.24
CA PRO A 53 -16.79 8.76 -34.03
C PRO A 53 -17.45 10.15 -34.01
N SER A 54 -18.61 10.29 -34.62
CA SER A 54 -19.38 11.52 -34.62
C SER A 54 -20.32 11.75 -33.42
N TYR A 55 -20.38 10.84 -32.43
CA TYR A 55 -21.34 11.02 -31.33
C TYR A 55 -21.06 12.36 -30.63
N PRO A 56 -22.13 13.10 -30.24
CA PRO A 56 -21.85 14.43 -29.64
C PRO A 56 -21.01 14.39 -28.35
N SER A 57 -19.98 15.22 -28.31
CA SER A 57 -19.12 15.36 -27.13
C SER A 57 -19.17 16.83 -26.73
N TYR A 58 -18.07 17.36 -26.20
CA TYR A 58 -17.92 18.78 -25.99
C TYR A 58 -17.00 19.33 -27.08
N LYS A 59 -17.19 20.60 -27.41
CA LYS A 59 -16.32 21.34 -28.32
C LYS A 59 -15.39 22.27 -27.53
N LEU A 60 -14.12 22.29 -27.88
CA LEU A 60 -13.17 23.24 -27.29
C LEU A 60 -13.39 24.62 -27.89
N GLU A 61 -13.50 25.66 -27.06
CA GLU A 61 -13.57 27.04 -27.57
C GLU A 61 -12.77 27.99 -26.71
N ASN A 62 -12.23 29.03 -27.34
CA ASN A 62 -11.48 30.06 -26.67
C ASN A 62 -10.26 29.58 -25.90
N LEU A 63 -9.51 28.67 -26.51
CA LEU A 63 -8.27 28.21 -25.92
C LEU A 63 -7.33 29.41 -25.80
N SER A 64 -6.73 29.55 -24.62
CA SER A 64 -5.85 30.69 -24.33
C SER A 64 -4.63 30.22 -23.57
N SER A 65 -3.50 30.91 -23.77
CA SER A 65 -2.25 30.53 -23.12
C SER A 65 -1.92 31.48 -21.99
N SER A 66 -1.87 30.94 -20.78
CA SER A 66 -1.56 31.67 -19.55
C SER A 66 -0.12 31.44 -19.15
N GLU A 67 0.29 32.12 -18.09
CA GLU A 67 1.60 31.93 -17.50
C GLU A 67 1.78 30.50 -16.95
N MET A 68 0.74 29.90 -16.38
CA MET A 68 0.88 28.51 -15.89
C MET A 68 0.66 27.45 -16.98
N GLY A 69 -0.13 27.80 -18.00
CA GLY A 69 -0.44 26.85 -19.07
C GLY A 69 -1.61 27.32 -19.94
N TYR A 70 -2.68 26.56 -19.99
CA TYR A 70 -3.79 26.80 -20.90
C TYR A 70 -5.10 26.90 -20.16
N THR A 71 -6.03 27.68 -20.69
CA THR A 71 -7.42 27.68 -20.24
CA THR A 71 -7.41 27.64 -20.24
C THR A 71 -8.34 27.65 -21.45
N ALA A 72 -9.51 27.05 -21.30
CA ALA A 72 -10.48 27.01 -22.38
C ALA A 72 -11.88 26.76 -21.87
N THR A 73 -12.85 27.00 -22.74
CA THR A 73 -14.23 26.62 -22.45
C THR A 73 -14.56 25.39 -23.26
N LEU A 74 -15.36 24.50 -22.66
CA LEU A 74 -15.87 23.31 -23.33
C LEU A 74 -17.37 23.39 -23.34
N THR A 75 -17.96 23.15 -24.51
CA THR A 75 -19.40 23.29 -24.68
C THR A 75 -20.03 22.05 -25.29
N ARG A 76 -21.05 21.52 -24.63
CA ARG A 76 -21.88 20.44 -25.16
C ARG A 76 -23.17 21.06 -25.63
N THR A 77 -23.53 20.73 -26.88
CA THR A 77 -24.72 21.23 -27.55
CA THR A 77 -24.75 21.26 -27.47
C THR A 77 -25.87 20.22 -27.51
N THR A 78 -25.55 18.93 -27.60
CA THR A 78 -26.57 17.86 -27.56
C THR A 78 -26.50 17.08 -26.23
N PRO A 79 -27.63 16.99 -25.50
CA PRO A 79 -27.59 16.26 -24.23
C PRO A 79 -27.20 14.80 -24.38
N THR A 80 -26.59 14.25 -23.32
CA THR A 80 -26.40 12.81 -23.21
C THR A 80 -27.71 12.16 -22.71
N PHE A 81 -27.67 10.87 -22.53
CA PHE A 81 -28.78 10.13 -21.95
C PHE A 81 -28.74 10.15 -20.42
N PHE A 82 -27.78 10.84 -19.78
CA PHE A 82 -27.82 11.00 -18.33
C PHE A 82 -28.52 12.28 -17.97
N PRO A 83 -29.11 12.36 -16.77
CA PRO A 83 -29.70 13.65 -16.40
C PRO A 83 -28.62 14.65 -15.99
N LYS A 84 -28.97 15.92 -16.11
CA LYS A 84 -28.18 17.03 -15.57
C LYS A 84 -26.76 17.13 -16.16
N ASP A 85 -26.66 17.03 -17.48
CA ASP A 85 -25.42 17.41 -18.17
C ASP A 85 -25.04 18.82 -17.77
N ILE A 86 -23.74 19.07 -17.58
CA ILE A 86 -23.25 20.41 -17.38
C ILE A 86 -22.72 20.85 -18.76
N LEU A 87 -23.47 21.73 -19.41
CA LEU A 87 -23.28 22.00 -20.84
C LEU A 87 -22.04 22.87 -21.11
N THR A 88 -21.65 23.70 -20.15
CA THR A 88 -20.49 24.58 -20.26
C THR A 88 -19.52 24.25 -19.14
N LEU A 89 -18.30 23.87 -19.54
CA LEU A 89 -17.22 23.53 -18.60
C LEU A 89 -16.03 24.45 -18.83
N ARG A 90 -15.13 24.48 -17.85
CA ARG A 90 -13.88 25.18 -17.94
C ARG A 90 -12.75 24.16 -17.86
N LEU A 91 -11.80 24.27 -18.78
CA LEU A 91 -10.59 23.43 -18.82
C LEU A 91 -9.43 24.28 -18.34
N ASP A 92 -8.64 23.76 -17.40
CA ASP A 92 -7.40 24.41 -17.00
C ASP A 92 -6.26 23.40 -17.08
N VAL A 93 -5.21 23.75 -17.82
CA VAL A 93 -4.04 22.87 -17.98
C VAL A 93 -2.85 23.59 -17.35
N MET A 94 -2.21 22.95 -16.38
CA MET A 94 -1.01 23.51 -15.71
C MET A 94 0.23 22.63 -15.92
N MET A 95 1.27 23.23 -16.47
CA MET A 95 2.52 22.53 -16.76
C MET A 95 3.38 22.75 -15.52
N GLU A 96 3.21 21.87 -14.55
CA GLU A 96 3.63 22.17 -13.19
C GLU A 96 5.10 21.97 -12.95
N THR A 97 5.66 20.86 -13.46
CA THR A 97 7.11 20.62 -13.43
C THR A 97 7.47 19.96 -14.74
N GLU A 98 8.75 19.66 -14.94
CA GLU A 98 9.15 18.94 -16.15
C GLU A 98 8.57 17.52 -16.21
N ASN A 99 8.19 16.95 -15.07
CA ASN A 99 7.65 15.61 -14.97
C ASN A 99 6.17 15.53 -14.76
N ARG A 100 5.55 16.63 -14.31
CA ARG A 100 4.17 16.60 -13.88
C ARG A 100 3.32 17.58 -14.66
N LEU A 101 2.32 17.04 -15.37
CA LEU A 101 1.29 17.81 -16.09
C LEU A 101 -0.03 17.63 -15.32
N HIS A 102 -0.79 18.70 -15.18
CA HIS A 102 -1.98 18.72 -14.34
C HIS A 102 -3.10 19.41 -15.14
N PHE A 103 -4.25 18.77 -15.23
CA PHE A 103 -5.42 19.46 -15.79
C PHE A 103 -6.70 19.19 -15.04
N THR A 104 -7.57 20.19 -15.06
CA THR A 104 -8.87 20.10 -14.44
C THR A 104 -9.99 20.48 -15.41
N ILE A 105 -11.14 19.81 -15.24
CA ILE A 105 -12.37 20.16 -15.92
C ILE A 105 -13.43 20.38 -14.84
N LYS A 106 -13.97 21.59 -14.81
CA LYS A 106 -14.84 22.08 -13.73
C LYS A 106 -16.06 22.77 -14.31
N ASP A 107 -17.05 22.95 -13.45
CA ASP A 107 -18.23 23.74 -13.77
C ASP A 107 -17.88 25.18 -13.36
N PRO A 108 -17.69 26.09 -14.35
CA PRO A 108 -17.34 27.45 -13.97
C PRO A 108 -18.45 28.21 -13.22
N ALA A 109 -19.70 27.75 -13.31
CA ALA A 109 -20.83 28.41 -12.65
C ALA A 109 -21.12 27.89 -11.23
N ASN A 110 -20.48 26.80 -10.80
CA ASN A 110 -20.79 26.19 -9.49
C ASN A 110 -19.58 25.47 -8.95
N ARG A 111 -19.24 25.78 -7.69
CA ARG A 111 -18.25 25.03 -6.94
C ARG A 111 -18.83 23.62 -6.78
N ARG A 112 -18.08 22.61 -7.24
CA ARG A 112 -18.49 21.21 -7.09
C ARG A 112 -17.56 20.61 -6.03
N TYR A 113 -18.00 19.51 -5.42
CA TYR A 113 -17.17 18.81 -4.43
C TYR A 113 -15.76 18.49 -4.99
N GLU A 114 -14.73 18.78 -4.20
CA GLU A 114 -13.34 18.45 -4.53
C GLU A 114 -12.70 17.78 -3.34
N VAL A 115 -11.79 16.84 -3.61
CA VAL A 115 -11.13 16.07 -2.57
C VAL A 115 -10.18 17.01 -1.83
N PRO A 116 -10.28 17.07 -0.50
CA PRO A 116 -9.34 17.94 0.22
C PRO A 116 -7.88 17.39 0.14
N LEU A 117 -6.96 18.21 -0.37
CA LEU A 117 -5.54 17.82 -0.57
C LEU A 117 -4.63 19.05 -0.53
N GLU A 118 -3.57 18.99 0.27
CA GLU A 118 -2.52 20.04 0.25
C GLU A 118 -1.75 19.93 -1.06
N THR A 119 -1.55 21.04 -1.77
CA THR A 119 -0.76 21.03 -3.02
C THR A 119 0.74 20.89 -2.70
N PRO A 120 1.55 20.31 -3.63
CA PRO A 120 2.87 19.71 -3.30
C PRO A 120 3.84 20.57 -2.48
N SER A 128 12.94 21.84 -21.08
CA SER A 128 11.63 21.48 -21.63
C SER A 128 11.03 20.35 -20.83
N PRO A 129 9.69 20.35 -20.65
CA PRO A 129 9.12 19.21 -19.93
C PRO A 129 9.29 17.91 -20.71
N LEU A 130 9.04 16.79 -20.05
CA LEU A 130 9.14 15.49 -20.69
C LEU A 130 7.92 15.20 -21.57
N TYR A 131 6.87 16.01 -21.41
CA TYR A 131 5.60 15.87 -22.11
C TYR A 131 5.43 17.05 -23.06
N SER A 132 4.59 16.85 -24.06
CA SER A 132 3.92 17.98 -24.73
C SER A 132 2.45 17.71 -24.67
N VAL A 133 1.66 18.74 -24.94
CA VAL A 133 0.22 18.65 -24.83
C VAL A 133 -0.39 19.38 -26.00
N GLU A 134 -1.38 18.75 -26.63
CA GLU A 134 -2.17 19.41 -27.68
C GLU A 134 -3.62 18.98 -27.53
N PHE A 135 -4.50 19.61 -28.28
CA PHE A 135 -5.93 19.46 -28.06
C PHE A 135 -6.66 19.17 -29.35
N SER A 136 -7.66 18.30 -29.26
CA SER A 136 -8.61 18.10 -30.34
C SER A 136 -9.78 19.06 -30.07
N GLU A 137 -10.29 19.68 -31.12
CA GLU A 137 -11.32 20.71 -31.00
C GLU A 137 -12.74 20.15 -30.90
N GLU A 138 -13.07 19.20 -31.76
CA GLU A 138 -14.43 18.70 -31.82
C GLU A 138 -14.38 17.32 -32.51
N PRO A 139 -14.55 16.19 -31.80
CA PRO A 139 -14.77 16.14 -30.37
C PRO A 139 -13.53 16.53 -29.58
N PHE A 140 -13.77 17.16 -28.44
CA PHE A 140 -12.71 17.58 -27.55
C PHE A 140 -11.86 16.42 -27.02
N GLY A 141 -10.55 16.61 -27.00
CA GLY A 141 -9.68 15.69 -26.28
C GLY A 141 -8.37 16.34 -25.92
N VAL A 142 -7.74 15.80 -24.89
CA VAL A 142 -6.41 16.23 -24.48
C VAL A 142 -5.49 15.14 -24.95
N ILE A 143 -4.41 15.51 -25.63
CA ILE A 143 -3.43 14.57 -26.14
C ILE A 143 -2.09 14.87 -25.47
N VAL A 144 -1.50 13.88 -24.81
CA VAL A 144 -0.20 14.05 -24.14
C VAL A 144 0.80 13.11 -24.80
N HIS A 145 1.86 13.70 -25.38
CA HIS A 145 2.99 12.94 -25.95
C HIS A 145 4.17 12.91 -24.99
N ARG A 146 4.91 11.81 -24.96
CA ARG A 146 6.27 11.80 -24.43
C ARG A 146 7.15 12.45 -25.50
N GLN A 147 7.81 13.57 -25.17
CA GLN A 147 8.62 14.32 -26.15
C GLN A 147 9.81 13.53 -26.69
N LEU A 148 10.42 12.70 -25.86
CA LEU A 148 11.66 12.01 -26.27
C LEU A 148 11.45 11.09 -27.49
N ASP A 149 10.36 10.35 -27.51
CA ASP A 149 10.10 9.36 -28.60
C ASP A 149 8.78 9.56 -29.36
N GLY A 150 7.98 10.57 -28.98
CA GLY A 150 6.70 10.79 -29.61
C GLY A 150 5.59 9.79 -29.30
N ARG A 151 5.74 8.96 -28.27
CA ARG A 151 4.69 7.98 -27.92
C ARG A 151 3.48 8.73 -27.36
N VAL A 152 2.29 8.37 -27.82
CA VAL A 152 1.04 8.96 -27.31
C VAL A 152 0.72 8.28 -25.98
N LEU A 153 0.75 9.04 -24.90
CA LEU A 153 0.49 8.52 -23.56
C LEU A 153 -0.99 8.65 -23.19
N LEU A 154 -1.53 9.85 -23.42
CA LEU A 154 -2.94 10.16 -23.21
C LEU A 154 -3.55 10.64 -24.50
N ASN A 155 -4.75 10.16 -24.80
CA ASN A 155 -5.55 10.74 -25.88
C ASN A 155 -7.01 10.61 -25.53
N THR A 156 -7.61 11.68 -25.00
CA THR A 156 -8.98 11.56 -24.53
C THR A 156 -10.02 11.76 -25.62
N THR A 157 -9.55 11.99 -26.85
CA THR A 157 -10.39 12.12 -28.04
C THR A 157 -11.09 10.79 -28.39
N VAL A 158 -10.58 9.66 -27.88
CA VAL A 158 -11.06 8.32 -28.26
C VAL A 158 -12.53 8.03 -27.93
N ALA A 159 -13.12 8.76 -26.99
CA ALA A 159 -14.53 8.61 -26.67
C ALA A 159 -15.11 9.94 -26.18
N PRO A 160 -16.44 10.06 -26.12
CA PRO A 160 -17.05 11.33 -25.71
C PRO A 160 -16.74 11.71 -24.26
N LEU A 161 -16.62 13.00 -23.98
CA LEU A 161 -16.54 13.46 -22.59
C LEU A 161 -17.97 13.55 -22.10
N PHE A 162 -18.23 12.87 -21.00
CA PHE A 162 -19.50 13.00 -20.26
C PHE A 162 -19.18 13.80 -19.02
N PHE A 163 -20.00 14.82 -18.75
CA PHE A 163 -19.87 15.60 -17.52
C PHE A 163 -21.26 16.03 -17.08
N ALA A 164 -21.87 15.17 -16.29
CA ALA A 164 -23.20 15.37 -15.75
C ALA A 164 -23.09 15.36 -14.25
N ASP A 165 -24.10 15.88 -13.57
CA ASP A 165 -23.99 16.11 -12.14
C ASP A 165 -23.54 14.88 -11.36
N GLN A 166 -24.03 13.70 -11.75
CA GLN A 166 -23.66 12.44 -11.08
C GLN A 166 -23.04 11.43 -12.04
N PHE A 167 -22.45 11.90 -13.13
CA PHE A 167 -21.74 11.00 -14.04
C PHE A 167 -20.69 11.78 -14.85
N LEU A 168 -19.43 11.46 -14.59
CA LEU A 168 -18.28 11.99 -15.32
C LEU A 168 -17.65 10.80 -16.00
N GLN A 169 -17.38 10.91 -17.31
CA GLN A 169 -16.60 9.88 -17.98
C GLN A 169 -15.55 10.56 -18.83
N LEU A 170 -14.32 10.10 -18.67
CA LEU A 170 -13.18 10.55 -19.45
C LEU A 170 -12.44 9.29 -19.84
N SER A 171 -12.14 9.16 -21.13
CA SER A 171 -11.46 7.96 -21.62
C SER A 171 -10.11 8.29 -22.21
N THR A 172 -9.27 7.28 -22.36
CA THR A 172 -8.00 7.45 -23.06
C THR A 172 -7.57 6.15 -23.69
N SER A 173 -6.81 6.28 -24.77
CA SER A 173 -5.99 5.16 -25.22
C SER A 173 -4.90 4.91 -24.16
N LEU A 174 -4.45 3.65 -24.11
CA LEU A 174 -3.29 3.27 -23.33
C LEU A 174 -2.12 2.88 -24.24
N PRO A 175 -0.88 3.03 -23.74
CA PRO A 175 0.24 2.85 -24.66
C PRO A 175 0.63 1.38 -24.81
N SER A 176 0.14 0.51 -23.94
CA SER A 176 0.43 -0.93 -24.01
C SER A 176 -0.67 -1.68 -23.31
N GLN A 177 -0.56 -3.01 -23.31
CA GLN A 177 -1.48 -3.85 -22.59
C GLN A 177 -1.10 -4.00 -21.12
N TYR A 178 -0.11 -3.24 -20.65
CA TYR A 178 0.46 -3.41 -19.32
C TYR A 178 0.18 -2.20 -18.47
N ILE A 179 -0.68 -2.42 -17.48
CA ILE A 179 -1.17 -1.37 -16.60
C ILE A 179 -1.37 -1.96 -15.18
N THR A 180 -0.93 -1.19 -14.17
CA THR A 180 -1.05 -1.59 -12.77
C THR A 180 -1.57 -0.44 -11.94
N GLY A 181 -2.23 -0.76 -10.83
CA GLY A 181 -2.76 0.23 -9.90
C GLY A 181 -4.21 -0.05 -9.59
N LEU A 182 -4.95 1.03 -9.32
CA LEU A 182 -6.38 0.96 -9.13
C LEU A 182 -6.81 -0.03 -8.03
N ALA A 183 -6.13 0.06 -6.90
CA ALA A 183 -6.47 -0.68 -5.70
C ALA A 183 -7.84 -0.25 -5.13
N GLU A 184 -8.47 -1.04 -4.28
CA GLU A 184 -7.96 -2.33 -3.77
C GLU A 184 -8.82 -3.46 -4.29
N HIS A 185 -8.17 -4.38 -4.99
CA HIS A 185 -8.81 -5.54 -5.61
C HIS A 185 -7.87 -6.74 -5.57
N LEU A 186 -8.45 -7.94 -5.59
CA LEU A 186 -7.67 -9.19 -5.54
C LEU A 186 -7.41 -9.54 -7.00
N SER A 187 -6.16 -9.33 -7.42
CA SER A 187 -5.80 -9.33 -8.85
C SER A 187 -4.29 -9.54 -9.05
N PRO A 188 -3.86 -10.04 -10.22
CA PRO A 188 -2.45 -9.91 -10.58
C PRO A 188 -1.99 -8.45 -10.52
N LEU A 189 -0.68 -8.22 -10.48
CA LEU A 189 -0.16 -6.85 -10.41
C LEU A 189 -0.51 -6.11 -11.69
N MET A 190 -0.36 -6.80 -12.83
CA MET A 190 -0.78 -6.29 -14.12
C MET A 190 -2.26 -6.61 -14.31
N LEU A 191 -3.05 -5.59 -14.60
CA LEU A 191 -4.50 -5.74 -14.66
C LEU A 191 -4.89 -6.28 -16.02
N SER A 192 -5.96 -7.05 -16.06
CA SER A 192 -6.54 -7.48 -17.33
C SER A 192 -7.23 -6.33 -18.12
N THR A 193 -6.82 -6.14 -19.37
CA THR A 193 -7.49 -5.19 -20.26
C THR A 193 -8.66 -5.82 -21.05
N SER A 194 -9.04 -7.07 -20.76
CA SER A 194 -10.14 -7.75 -21.50
C SER A 194 -11.52 -7.43 -20.94
N TRP A 195 -11.97 -6.20 -21.15
CA TRP A 195 -13.30 -5.75 -20.74
C TRP A 195 -13.52 -5.92 -19.26
N THR A 196 -12.71 -5.22 -18.49
CA THR A 196 -12.64 -5.38 -17.05
C THR A 196 -13.21 -4.12 -16.40
N ARG A 197 -14.16 -4.31 -15.49
CA ARG A 197 -14.79 -3.22 -14.73
CA ARG A 197 -14.83 -3.25 -14.73
C ARG A 197 -14.17 -3.23 -13.34
N ILE A 198 -13.44 -2.18 -13.00
CA ILE A 198 -12.74 -2.11 -11.70
C ILE A 198 -13.47 -1.06 -10.87
N THR A 199 -14.04 -1.49 -9.75
CA THR A 199 -14.94 -0.64 -8.96
C THR A 199 -14.26 -0.14 -7.67
N LEU A 200 -14.23 1.17 -7.49
CA LEU A 200 -13.68 1.84 -6.32
C LEU A 200 -14.80 2.35 -5.41
N TRP A 201 -15.10 1.57 -4.37
CA TRP A 201 -16.10 1.92 -3.37
C TRP A 201 -15.79 1.10 -2.13
N ASN A 202 -15.27 1.76 -1.11
CA ASN A 202 -14.69 1.06 0.05
C ASN A 202 -15.76 0.24 0.71
N ARG A 203 -15.44 -1.02 0.96
CA ARG A 203 -16.41 -2.06 1.28
C ARG A 203 -15.77 -3.12 2.17
N ASP A 204 -16.45 -3.43 3.27
CA ASP A 204 -16.07 -4.51 4.18
C ASP A 204 -16.56 -5.80 3.54
N LEU A 205 -15.66 -6.47 2.83
CA LEU A 205 -15.90 -7.80 2.28
C LEU A 205 -14.59 -8.57 2.32
N ALA A 206 -14.63 -9.84 2.72
CA ALA A 206 -13.41 -10.64 2.67
C ALA A 206 -12.88 -10.67 1.22
N PRO A 207 -11.58 -10.40 1.00
CA PRO A 207 -11.12 -10.31 -0.39
C PRO A 207 -11.55 -11.51 -1.26
N THR A 208 -12.23 -11.18 -2.35
CA THR A 208 -12.65 -12.13 -3.37
C THR A 208 -12.45 -11.43 -4.74
N PRO A 209 -12.16 -12.21 -5.81
CA PRO A 209 -11.99 -11.60 -7.16
C PRO A 209 -13.18 -10.81 -7.72
N GLY A 210 -12.89 -9.76 -8.47
CA GLY A 210 -13.94 -8.95 -9.10
C GLY A 210 -14.72 -8.05 -8.15
N ALA A 211 -14.31 -7.94 -6.87
CA ALA A 211 -15.04 -7.14 -5.88
C ALA A 211 -14.33 -5.85 -5.52
N ASN A 212 -15.10 -4.77 -5.33
CA ASN A 212 -14.59 -3.61 -4.58
C ASN A 212 -14.24 -3.97 -3.14
N LEU A 213 -12.99 -3.77 -2.74
CA LEU A 213 -12.55 -4.13 -1.38
C LEU A 213 -12.43 -2.89 -0.50
N TYR A 214 -11.56 -2.95 0.49
CA TYR A 214 -11.58 -1.98 1.59
C TYR A 214 -11.14 -0.57 1.21
N GLY A 215 -10.35 -0.45 0.13
CA GLY A 215 -9.71 0.80 -0.26
C GLY A 215 -9.85 1.12 -1.73
N SER A 216 -9.52 2.37 -2.04
CA SER A 216 -9.75 2.95 -3.37
C SER A 216 -8.58 3.89 -3.67
N HIS A 217 -7.84 3.59 -4.72
CA HIS A 217 -6.70 4.39 -5.12
C HIS A 217 -6.78 4.65 -6.63
N PRO A 218 -7.31 5.81 -7.03
CA PRO A 218 -7.50 6.04 -8.48
C PRO A 218 -6.22 6.50 -9.19
N PHE A 219 -5.26 5.59 -9.23
CA PHE A 219 -3.97 5.84 -9.84
C PHE A 219 -3.61 4.65 -10.66
N TYR A 220 -3.08 4.86 -11.86
CA TYR A 220 -2.47 3.79 -12.60
C TYR A 220 -1.09 4.18 -13.11
N LEU A 221 -0.25 3.14 -13.28
CA LEU A 221 1.02 3.23 -13.92
C LEU A 221 0.96 2.37 -15.18
N ALA A 222 1.27 2.97 -16.33
CA ALA A 222 1.22 2.27 -17.62
C ALA A 222 2.63 2.11 -18.14
N LEU A 223 3.01 0.89 -18.55
CA LEU A 223 4.32 0.62 -19.13
C LEU A 223 4.28 0.85 -20.62
N GLU A 224 5.42 1.27 -21.15
CA GLU A 224 5.57 1.55 -22.58
C GLU A 224 6.66 0.63 -23.13
N ASP A 225 6.51 0.21 -24.39
CA ASP A 225 7.50 -0.66 -25.05
C ASP A 225 8.92 -0.07 -24.92
N GLY A 226 9.90 -0.84 -24.50
CA GLY A 226 11.24 -0.29 -24.23
C GLY A 226 11.52 0.02 -22.76
N GLY A 227 10.49 0.10 -21.91
CA GLY A 227 10.69 0.18 -20.45
C GLY A 227 10.47 1.52 -19.76
N SER A 228 10.04 2.53 -20.50
CA SER A 228 9.56 3.76 -19.88
C SER A 228 8.12 3.56 -19.40
N ALA A 229 7.65 4.53 -18.63
CA ALA A 229 6.33 4.48 -18.08
C ALA A 229 5.84 5.85 -17.69
N HIS A 230 4.54 5.94 -17.57
CA HIS A 230 3.92 7.15 -17.06
C HIS A 230 2.84 6.72 -16.08
N GLY A 231 2.38 7.66 -15.28
CA GLY A 231 1.28 7.44 -14.35
C GLY A 231 0.22 8.50 -14.49
N VAL A 232 -0.99 8.14 -14.07
CA VAL A 232 -2.13 9.02 -14.10
C VAL A 232 -2.85 8.89 -12.77
N PHE A 233 -3.12 10.03 -12.13
CA PHE A 233 -3.90 10.09 -10.89
C PHE A 233 -5.13 10.91 -11.17
N LEU A 234 -6.32 10.35 -10.96
CA LEU A 234 -7.57 11.12 -10.98
C LEU A 234 -7.92 11.44 -9.54
N LEU A 235 -7.79 12.70 -9.15
CA LEU A 235 -8.10 13.13 -7.79
C LEU A 235 -9.62 13.29 -7.60
N ASN A 236 -10.26 12.17 -7.31
CA ASN A 236 -11.73 12.08 -7.22
C ASN A 236 -12.06 10.95 -6.23
N SER A 237 -12.87 11.23 -5.23
CA SER A 237 -13.15 10.27 -4.14
C SER A 237 -14.54 9.67 -4.22
N ASN A 238 -15.26 9.93 -5.31
CA ASN A 238 -16.59 9.37 -5.48
C ASN A 238 -16.54 7.91 -5.87
N ALA A 239 -17.66 7.22 -5.67
CA ALA A 239 -17.81 5.87 -6.21
C ALA A 239 -17.51 5.91 -7.72
N MET A 240 -16.66 4.99 -8.19
CA MET A 240 -16.31 4.95 -9.61
C MET A 240 -16.05 3.56 -10.15
N ASP A 241 -16.33 3.39 -11.43
CA ASP A 241 -15.85 2.27 -12.23
C ASP A 241 -14.72 2.76 -13.10
N VAL A 242 -13.69 1.93 -13.25
CA VAL A 242 -12.65 2.14 -14.26
C VAL A 242 -12.70 0.93 -15.21
N VAL A 243 -12.92 1.22 -16.50
CA VAL A 243 -13.19 0.19 -17.48
C VAL A 243 -12.00 0.08 -18.42
N LEU A 244 -11.39 -1.10 -18.45
CA LEU A 244 -10.24 -1.37 -19.30
C LEU A 244 -10.71 -2.23 -20.47
N GLN A 245 -10.33 -1.86 -21.68
CA GLN A 245 -10.68 -2.64 -22.86
C GLN A 245 -9.41 -2.88 -23.69
N PRO A 246 -9.46 -3.88 -24.59
CA PRO A 246 -8.17 -4.38 -25.11
C PRO A 246 -7.61 -3.64 -26.33
N SER A 247 -8.19 -2.51 -26.74
CA SER A 247 -7.62 -1.73 -27.85
C SER A 247 -6.14 -1.34 -27.80
N PRO A 248 -5.49 -0.97 -26.68
CA PRO A 248 -6.01 -0.89 -25.32
C PRO A 248 -6.44 0.51 -24.96
N ALA A 249 -7.35 0.61 -24.00
CA ALA A 249 -7.92 1.89 -23.59
C ALA A 249 -8.55 1.77 -22.21
N LEU A 250 -8.80 2.92 -21.61
CA LEU A 250 -9.32 3.03 -20.26
C LEU A 250 -10.39 4.12 -20.21
N SER A 251 -11.44 3.89 -19.40
CA SER A 251 -12.49 4.89 -19.14
C SER A 251 -12.64 5.06 -17.63
N TRP A 252 -12.45 6.28 -17.14
CA TRP A 252 -12.86 6.64 -15.79
C TRP A 252 -14.35 7.00 -15.79
N ARG A 253 -15.14 6.40 -14.90
CA ARG A 253 -16.56 6.71 -14.75
C ARG A 253 -16.84 7.03 -13.31
N SER A 254 -16.92 8.31 -12.97
CA SER A 254 -17.15 8.66 -11.58
C SER A 254 -18.56 9.18 -11.38
N THR A 255 -19.07 9.02 -10.16
CA THR A 255 -20.43 9.42 -9.82
C THR A 255 -20.57 10.83 -9.24
N GLY A 256 -19.48 11.58 -9.17
CA GLY A 256 -19.57 12.97 -8.70
C GLY A 256 -18.25 13.70 -8.85
N GLY A 257 -18.17 14.87 -8.21
CA GLY A 257 -16.94 15.61 -8.14
C GLY A 257 -16.60 16.27 -9.47
N ILE A 258 -15.30 16.40 -9.72
CA ILE A 258 -14.77 17.01 -10.94
C ILE A 258 -13.72 16.08 -11.54
N LEU A 259 -13.24 16.42 -12.72
CA LEU A 259 -12.10 15.75 -13.28
C LEU A 259 -10.87 16.58 -12.95
N ASP A 260 -10.02 16.01 -12.10
CA ASP A 260 -8.78 16.62 -11.66
C ASP A 260 -7.68 15.55 -11.90
N VAL A 261 -6.90 15.78 -12.95
CA VAL A 261 -6.01 14.76 -13.52
C VAL A 261 -4.56 15.17 -13.47
N TYR A 262 -3.71 14.27 -12.97
CA TYR A 262 -2.27 14.48 -12.96
C TYR A 262 -1.66 13.40 -13.82
N ILE A 263 -0.68 13.82 -14.64
CA ILE A 263 0.09 12.90 -15.45
C ILE A 263 1.57 13.00 -15.05
N PHE A 264 2.18 11.85 -14.76
CA PHE A 264 3.56 11.77 -14.27
C PHE A 264 4.37 11.05 -15.33
N LEU A 265 5.44 11.70 -15.80
CA LEU A 265 6.15 11.28 -17.02
C LEU A 265 7.32 10.30 -16.85
N GLY A 266 7.72 10.02 -15.62
CA GLY A 266 8.79 9.07 -15.37
C GLY A 266 10.14 9.63 -15.79
N PRO A 267 10.84 9.01 -16.76
CA PRO A 267 10.38 7.89 -17.59
C PRO A 267 10.50 6.52 -16.91
N GLU A 268 11.28 6.42 -15.83
CA GLU A 268 11.47 5.13 -15.19
C GLU A 268 10.25 4.85 -14.29
N PRO A 269 9.78 3.60 -14.23
CA PRO A 269 8.69 3.31 -13.28
C PRO A 269 8.93 3.76 -11.81
N LYS A 270 10.14 3.62 -11.28
CA LYS A 270 10.41 4.15 -9.92
C LYS A 270 10.22 5.68 -9.81
N SER A 271 10.59 6.41 -10.87
CA SER A 271 10.36 7.84 -10.94
C SER A 271 8.88 8.20 -11.05
N VAL A 272 8.12 7.42 -11.81
CA VAL A 272 6.69 7.63 -11.87
C VAL A 272 6.10 7.56 -10.45
N VAL A 273 6.43 6.51 -9.71
CA VAL A 273 5.93 6.32 -8.35
C VAL A 273 6.36 7.51 -7.47
N GLN A 274 7.62 7.91 -7.54
CA GLN A 274 8.08 9.05 -6.72
C GLN A 274 7.35 10.37 -7.08
N GLN A 275 7.09 10.57 -8.37
CA GLN A 275 6.36 11.74 -8.84
C GLN A 275 4.90 11.80 -8.36
N TYR A 276 4.24 10.65 -8.41
CA TYR A 276 2.94 10.48 -7.80
C TYR A 276 2.97 10.81 -6.30
N LEU A 277 3.96 10.28 -5.59
CA LEU A 277 4.06 10.55 -4.15
C LEU A 277 4.44 11.99 -3.81
N ASP A 278 5.06 12.70 -4.74
CA ASP A 278 5.25 14.14 -4.65
C ASP A 278 3.92 14.92 -4.57
N VAL A 279 2.85 14.39 -5.11
CA VAL A 279 1.53 15.01 -5.01
C VAL A 279 0.79 14.51 -3.75
N VAL A 280 0.72 13.19 -3.54
CA VAL A 280 -0.13 12.62 -2.46
C VAL A 280 0.57 12.52 -1.09
N GLY A 281 1.90 12.57 -1.07
CA GLY A 281 2.68 12.48 0.16
C GLY A 281 3.64 11.30 0.16
N TYR A 282 4.86 11.53 0.64
CA TYR A 282 5.81 10.43 0.83
C TYR A 282 5.39 9.63 2.07
N PRO A 283 5.67 8.33 2.07
CA PRO A 283 5.38 7.45 3.20
C PRO A 283 5.91 7.97 4.52
N PHE A 284 5.13 7.78 5.58
CA PHE A 284 5.58 8.17 6.93
C PHE A 284 6.70 7.25 7.35
N MET A 285 7.56 7.74 8.26
CA MET A 285 8.66 6.93 8.75
C MET A 285 8.16 6.15 9.97
N PRO A 286 8.11 4.81 9.87
CA PRO A 286 7.68 4.08 11.04
C PRO A 286 8.73 4.07 12.17
N PRO A 287 8.28 3.83 13.41
CA PRO A 287 9.24 3.47 14.44
C PRO A 287 9.95 2.14 14.11
N TYR A 288 11.21 2.02 14.49
CA TYR A 288 11.98 0.79 14.23
C TYR A 288 11.28 -0.46 14.77
N TRP A 289 10.75 -0.35 15.99
CA TRP A 289 10.02 -1.46 16.60
C TRP A 289 8.85 -1.98 15.78
N GLY A 290 8.25 -1.10 14.97
CA GLY A 290 7.15 -1.47 14.08
C GLY A 290 7.47 -2.47 13.00
N LEU A 291 8.77 -2.64 12.72
CA LEU A 291 9.28 -3.59 11.76
C LEU A 291 9.62 -4.95 12.37
N GLY A 292 9.49 -5.08 13.69
CA GLY A 292 9.60 -6.38 14.33
C GLY A 292 8.34 -7.21 14.08
N PHE A 293 8.31 -8.40 14.66
CA PHE A 293 7.19 -9.29 14.52
C PHE A 293 6.06 -8.83 15.44
N HIS A 294 4.83 -8.87 14.92
CA HIS A 294 3.59 -8.58 15.63
C HIS A 294 2.77 -9.87 15.73
N LEU A 295 2.14 -10.09 16.87
CA LEU A 295 1.32 -11.31 17.04
C LEU A 295 -0.01 -10.97 17.71
N CYS A 296 -1.07 -11.48 17.09
CA CYS A 296 -2.45 -11.16 17.45
C CYS A 296 -3.39 -12.35 17.18
N ARG A 297 -4.51 -12.39 17.88
CA ARG A 297 -5.67 -13.13 17.41
C ARG A 297 -6.89 -12.56 18.07
N TRP A 298 -8.02 -12.86 17.46
CA TRP A 298 -9.30 -12.69 18.06
C TRP A 298 -9.45 -13.94 18.91
N GLY A 299 -9.57 -13.75 20.22
CA GLY A 299 -9.75 -14.85 21.18
C GLY A 299 -8.73 -14.95 22.29
N TYR A 300 -7.72 -14.06 22.33
CA TYR A 300 -6.90 -13.94 23.53
C TYR A 300 -7.75 -13.20 24.57
N SER A 301 -8.54 -13.98 25.32
CA SER A 301 -9.69 -13.46 26.05
C SER A 301 -9.40 -13.03 27.49
N SER A 302 -8.13 -13.03 27.89
CA SER A 302 -7.75 -12.45 29.17
C SER A 302 -6.31 -11.98 29.10
N THR A 303 -5.91 -11.17 30.09
CA THR A 303 -4.51 -10.80 30.24
C THR A 303 -3.62 -12.04 30.52
N ALA A 304 -4.11 -12.98 31.31
CA ALA A 304 -3.37 -14.21 31.60
C ALA A 304 -3.05 -15.00 30.31
N ILE A 305 -4.05 -15.18 29.46
CA ILE A 305 -3.84 -15.84 28.16
C ILE A 305 -2.86 -15.04 27.30
N THR A 306 -3.05 -13.72 27.27
CA THR A 306 -2.22 -12.85 26.45
C THR A 306 -0.78 -12.90 26.92
N ARG A 307 -0.57 -12.86 28.24
CA ARG A 307 0.77 -13.02 28.82
C ARG A 307 1.42 -14.37 28.42
N GLN A 308 0.62 -15.42 28.35
CA GLN A 308 1.09 -16.75 27.93
C GLN A 308 1.64 -16.81 26.51
N VAL A 309 1.15 -15.94 25.64
CA VAL A 309 1.61 -15.85 24.25
C VAL A 309 3.07 -15.42 24.27
N VAL A 310 3.34 -14.32 24.98
CA VAL A 310 4.69 -13.79 25.10
C VAL A 310 5.62 -14.83 25.75
N GLU A 311 5.15 -15.45 26.84
CA GLU A 311 5.87 -16.48 27.55
C GLU A 311 6.21 -17.65 26.62
N ASN A 312 5.21 -18.12 25.88
CA ASN A 312 5.41 -19.24 24.96
C ASN A 312 6.34 -18.90 23.79
N MET A 313 6.24 -17.70 23.25
CA MET A 313 7.20 -17.24 22.22
C MET A 313 8.61 -17.20 22.78
N THR A 314 8.74 -16.63 23.95
CA THR A 314 10.05 -16.41 24.57
C THR A 314 10.72 -17.76 24.89
N ARG A 315 9.98 -18.66 25.53
CA ARG A 315 10.53 -19.96 25.91
C ARG A 315 11.03 -20.74 24.68
N ALA A 316 10.38 -20.56 23.54
CA ALA A 316 10.76 -21.24 22.28
C ALA A 316 11.63 -20.36 21.35
N HIS A 317 12.18 -19.28 21.89
CA HIS A 317 13.17 -18.46 21.19
C HIS A 317 12.65 -17.82 19.91
N PHE A 318 11.38 -17.40 19.93
CA PHE A 318 10.77 -16.69 18.79
C PHE A 318 10.74 -15.21 19.11
N PRO A 319 11.38 -14.38 18.25
CA PRO A 319 11.29 -12.93 18.41
C PRO A 319 9.85 -12.44 18.38
N LEU A 320 9.56 -11.45 19.20
CA LEU A 320 8.23 -10.81 19.24
C LEU A 320 8.43 -9.41 19.78
N ASP A 321 8.18 -8.40 18.94
CA ASP A 321 8.26 -7.02 19.39
C ASP A 321 6.96 -6.47 19.97
N VAL A 322 5.81 -6.91 19.43
CA VAL A 322 4.54 -6.26 19.74
C VAL A 322 3.45 -7.29 19.93
N GLN A 323 2.90 -7.34 21.14
CA GLN A 323 1.72 -8.13 21.46
C GLN A 323 0.48 -7.30 21.17
N TRP A 324 -0.50 -7.92 20.51
CA TRP A 324 -1.75 -7.30 20.20
C TRP A 324 -2.94 -7.96 20.91
N ASN A 325 -4.00 -7.18 21.13
CA ASN A 325 -5.33 -7.74 21.30
C ASN A 325 -6.33 -7.20 20.29
N ASP A 326 -7.29 -8.06 20.01
CA ASP A 326 -8.48 -7.77 19.24
C ASP A 326 -9.59 -7.32 20.23
N LEU A 327 -10.85 -7.47 19.84
CA LEU A 327 -12.00 -6.99 20.62
C LEU A 327 -12.06 -7.50 22.06
N ASP A 328 -11.38 -8.61 22.32
CA ASP A 328 -11.37 -9.24 23.63
C ASP A 328 -11.19 -8.28 24.79
N TYR A 329 -10.33 -7.27 24.62
CA TYR A 329 -9.98 -6.37 25.75
C TYR A 329 -11.11 -5.49 26.23
N MET A 330 -12.02 -5.15 25.33
CA MET A 330 -13.03 -4.11 25.57
C MET A 330 -14.09 -4.56 26.57
N ASP A 331 -14.82 -3.58 27.12
CA ASP A 331 -16.02 -3.83 27.91
C ASP A 331 -17.20 -3.82 26.94
N SER A 332 -17.75 -5.00 26.68
CA SER A 332 -18.87 -5.20 25.75
C SER A 332 -18.62 -4.64 24.34
N ARG A 333 -17.40 -4.90 23.84
CA ARG A 333 -16.96 -4.56 22.50
CA ARG A 333 -17.02 -4.57 22.48
C ARG A 333 -17.01 -3.04 22.19
N ARG A 334 -16.76 -2.23 23.23
CA ARG A 334 -16.73 -0.75 23.11
C ARG A 334 -15.34 -0.15 23.19
N ASP A 335 -15.02 0.75 22.25
CA ASP A 335 -13.80 1.54 22.25
C ASP A 335 -13.58 2.23 23.60
N PHE A 336 -12.30 2.39 23.94
CA PHE A 336 -11.86 3.17 25.12
C PHE A 336 -12.41 2.64 26.43
N THR A 337 -12.60 1.32 26.51
CA THR A 337 -12.96 0.61 27.74
C THR A 337 -12.06 -0.63 27.82
N PHE A 338 -12.04 -1.22 28.99
CA PHE A 338 -11.57 -2.58 29.12
C PHE A 338 -12.42 -3.33 30.15
N ASN A 339 -12.76 -4.60 29.85
CA ASN A 339 -13.61 -5.37 30.76
C ASN A 339 -12.88 -5.65 32.09
N LYS A 340 -13.67 -5.84 33.15
CA LYS A 340 -13.12 -6.00 34.50
C LYS A 340 -13.15 -7.47 34.96
N ASP A 341 -13.14 -8.38 33.99
CA ASP A 341 -13.06 -9.80 34.24
C ASP A 341 -11.68 -10.24 33.74
N GLY A 342 -11.61 -10.81 32.54
CA GLY A 342 -10.31 -11.22 31.99
C GLY A 342 -9.28 -10.12 31.86
N PHE A 343 -9.71 -8.87 31.70
CA PHE A 343 -8.78 -7.74 31.49
C PHE A 343 -8.73 -6.73 32.62
N ARG A 344 -9.14 -7.17 33.81
CA ARG A 344 -9.12 -6.32 35.01
C ARG A 344 -7.77 -5.64 35.24
N ASP A 345 -6.68 -6.37 34.99
CA ASP A 345 -5.32 -5.85 35.19
C ASP A 345 -4.63 -5.49 33.87
N PHE A 346 -5.42 -4.99 32.91
CA PHE A 346 -4.92 -4.54 31.60
C PHE A 346 -3.76 -3.51 31.72
N PRO A 347 -3.92 -2.45 32.54
CA PRO A 347 -2.77 -1.53 32.61
C PRO A 347 -1.46 -2.22 32.99
N ALA A 348 -1.50 -3.06 34.01
CA ALA A 348 -0.32 -3.77 34.47
C ALA A 348 0.28 -4.67 33.40
N MET A 349 -0.55 -5.36 32.62
CA MET A 349 -0.04 -6.18 31.50
C MET A 349 0.77 -5.35 30.51
N VAL A 350 0.27 -4.19 30.14
CA VAL A 350 0.95 -3.37 29.13
C VAL A 350 2.25 -2.76 29.71
N GLN A 351 2.18 -2.29 30.96
CA GLN A 351 3.37 -1.84 31.71
C GLN A 351 4.43 -2.92 31.76
N GLU A 352 4.03 -4.15 32.08
CA GLU A 352 4.94 -5.29 32.12
C GLU A 352 5.54 -5.54 30.72
N LEU A 353 4.73 -5.44 29.66
CA LEU A 353 5.27 -5.61 28.30
C LEU A 353 6.37 -4.62 28.04
N HIS A 354 6.13 -3.38 28.43
CA HIS A 354 7.12 -2.34 28.25
C HIS A 354 8.38 -2.60 29.05
N GLN A 355 8.24 -3.05 30.29
CA GLN A 355 9.43 -3.41 31.11
C GLN A 355 10.34 -4.42 30.43
N GLY A 356 9.77 -5.37 29.69
CA GLY A 356 10.53 -6.37 28.94
C GLY A 356 11.05 -5.93 27.57
N GLY A 357 10.77 -4.69 27.16
CA GLY A 357 11.27 -4.16 25.90
C GLY A 357 10.38 -4.38 24.69
N ARG A 358 9.09 -4.68 24.93
CA ARG A 358 8.10 -4.89 23.89
C ARG A 358 7.06 -3.75 23.87
N ARG A 359 6.30 -3.70 22.78
CA ARG A 359 5.23 -2.74 22.62
C ARG A 359 3.91 -3.47 22.58
N TYR A 360 2.83 -2.68 22.60
CA TYR A 360 1.47 -3.18 22.68
C TYR A 360 0.57 -2.42 21.69
N MET A 361 -0.26 -3.16 20.95
CA MET A 361 -1.22 -2.63 19.99
C MET A 361 -2.58 -3.27 20.28
N MET A 362 -3.64 -2.52 20.00
CA MET A 362 -4.98 -3.09 20.10
C MET A 362 -5.91 -2.51 19.07
N ILE A 363 -7.00 -3.25 18.84
CA ILE A 363 -7.98 -2.86 17.87
C ILE A 363 -8.80 -1.65 18.37
N VAL A 364 -9.07 -0.73 17.46
CA VAL A 364 -10.01 0.37 17.65
C VAL A 364 -10.97 0.39 16.46
N ASP A 365 -12.27 0.37 16.73
CA ASP A 365 -13.30 0.50 15.70
C ASP A 365 -13.69 1.99 15.63
N PRO A 366 -14.25 2.47 14.50
CA PRO A 366 -14.64 3.89 14.47
C PRO A 366 -15.99 4.20 15.15
N ALA A 367 -16.91 3.26 15.09
CA ALA A 367 -18.28 3.50 15.51
C ALA A 367 -18.39 3.41 17.02
N ILE A 368 -19.26 4.23 17.59
CA ILE A 368 -19.31 4.45 19.05
C ILE A 368 -20.67 4.03 19.58
N SER A 369 -20.68 3.12 20.56
CA SER A 369 -21.91 2.62 21.12
C SER A 369 -22.82 3.78 21.55
N SER A 370 -24.05 3.76 21.05
CA SER A 370 -25.01 4.82 21.25
C SER A 370 -26.18 4.44 22.20
N SER A 371 -26.16 3.23 22.75
CA SER A 371 -27.31 2.66 23.43
C SER A 371 -27.18 2.67 24.94
N GLY A 372 -26.06 3.14 25.49
CA GLY A 372 -25.84 3.06 26.92
C GLY A 372 -26.73 4.09 27.60
N PRO A 373 -27.00 3.92 28.91
CA PRO A 373 -27.67 5.03 29.60
C PRO A 373 -26.87 6.33 29.46
N ALA A 374 -27.57 7.44 29.34
CA ALA A 374 -26.95 8.75 29.28
C ALA A 374 -26.03 8.92 30.46
N GLY A 375 -24.86 9.49 30.22
CA GLY A 375 -23.89 9.73 31.31
C GLY A 375 -23.01 8.54 31.68
N SER A 376 -23.25 7.36 31.09
CA SER A 376 -22.52 6.13 31.47
C SER A 376 -21.38 5.76 30.51
N TYR A 377 -21.22 6.47 29.40
CA TYR A 377 -20.18 6.08 28.42
C TYR A 377 -19.66 7.31 27.71
N ARG A 378 -18.57 7.82 28.26
CA ARG A 378 -18.06 9.14 27.93
C ARG A 378 -17.79 9.38 26.44
N PRO A 379 -17.19 8.41 25.72
CA PRO A 379 -16.94 8.62 24.28
C PRO A 379 -18.20 9.01 23.50
N TYR A 380 -19.29 8.35 23.79
CA TYR A 380 -20.56 8.71 23.20
C TYR A 380 -21.12 10.00 23.77
N ASP A 381 -21.17 10.12 25.09
CA ASP A 381 -21.81 11.27 25.76
C ASP A 381 -21.12 12.57 25.35
N GLU A 382 -19.80 12.53 25.34
CA GLU A 382 -19.00 13.65 24.90
C GLU A 382 -19.13 13.90 23.39
N GLY A 383 -19.17 12.83 22.58
CA GLY A 383 -19.39 12.96 21.14
C GLY A 383 -20.68 13.68 20.78
N LEU A 384 -21.74 13.33 21.51
CA LEU A 384 -23.04 13.92 21.36
C LEU A 384 -22.98 15.43 21.67
N ARG A 385 -22.41 15.77 22.82
CA ARG A 385 -22.27 17.13 23.28
C ARG A 385 -21.58 18.01 22.24
N ARG A 386 -20.51 17.48 21.65
CA ARG A 386 -19.65 18.23 20.78
C ARG A 386 -20.05 18.14 19.31
N GLY A 387 -21.08 17.34 19.00
CA GLY A 387 -21.57 17.22 17.63
C GLY A 387 -20.61 16.55 16.67
N VAL A 388 -19.99 15.45 17.10
CA VAL A 388 -18.92 14.82 16.31
C VAL A 388 -19.40 13.77 15.32
N PHE A 389 -20.68 13.44 15.35
CA PHE A 389 -21.15 12.28 14.59
C PHE A 389 -21.77 12.67 13.26
N ILE A 390 -21.69 11.74 12.31
CA ILE A 390 -22.41 11.86 11.05
C ILE A 390 -23.92 11.90 11.35
N THR A 391 -24.61 12.85 10.73
CA THR A 391 -26.02 13.04 11.00
C THR A 391 -26.88 12.73 9.78
N ASN A 392 -28.17 12.55 10.04
CA ASN A 392 -29.12 12.16 9.01
C ASN A 392 -30.02 13.35 8.65
N GLU A 393 -31.08 13.07 7.91
CA GLU A 393 -31.96 14.07 7.34
C GLU A 393 -32.56 15.02 8.38
N THR A 394 -32.90 14.49 9.56
CA THR A 394 -33.51 15.31 10.60
C THR A 394 -32.49 15.91 11.58
N GLY A 395 -31.20 15.83 11.24
CA GLY A 395 -30.12 16.41 12.05
C GLY A 395 -29.62 15.58 13.20
N GLN A 396 -30.06 14.34 13.34
CA GLN A 396 -29.71 13.52 14.50
C GLN A 396 -28.63 12.53 14.11
N PRO A 397 -27.92 11.96 15.09
CA PRO A 397 -26.86 11.03 14.69
C PRO A 397 -27.44 9.86 13.90
N LEU A 398 -26.78 9.50 12.80
CA LEU A 398 -27.12 8.29 12.07
C LEU A 398 -26.69 7.10 12.93
N ILE A 399 -27.63 6.19 13.21
CA ILE A 399 -27.36 5.03 14.02
C ILE A 399 -27.34 3.77 13.19
N GLY A 400 -26.24 3.03 13.27
CA GLY A 400 -26.10 1.74 12.58
C GLY A 400 -25.93 0.66 13.61
N LYS A 401 -25.45 -0.50 13.14
CA LYS A 401 -25.17 -1.65 13.99
C LYS A 401 -23.80 -2.23 13.70
N VAL A 402 -22.93 -2.28 14.70
CA VAL A 402 -21.62 -2.95 14.54
C VAL A 402 -21.36 -3.76 15.81
N TRP A 403 -20.12 -4.02 16.18
CA TRP A 403 -19.84 -4.98 17.27
C TRP A 403 -20.52 -4.70 18.62
N PRO A 404 -20.61 -3.43 19.04
CA PRO A 404 -21.27 -3.25 20.34
C PRO A 404 -22.78 -3.24 20.31
N GLY A 405 -23.40 -3.30 19.11
CA GLY A 405 -24.83 -3.08 18.96
C GLY A 405 -25.03 -1.76 18.23
N SER A 406 -26.02 -0.96 18.66
CA SER A 406 -26.29 0.34 18.05
C SER A 406 -25.10 1.28 18.19
N THR A 407 -24.73 1.99 17.11
CA THR A 407 -23.61 2.89 17.12
C THR A 407 -23.81 4.11 16.25
N ALA A 408 -23.19 5.21 16.67
CA ALA A 408 -23.08 6.41 15.84
C ALA A 408 -21.71 6.38 15.20
N PHE A 409 -21.53 7.17 14.14
CA PHE A 409 -20.30 7.12 13.35
C PHE A 409 -19.60 8.47 13.39
N PRO A 410 -18.37 8.52 13.93
CA PRO A 410 -17.68 9.83 13.94
C PRO A 410 -17.41 10.38 12.55
N ASP A 411 -17.50 11.70 12.45
CA ASP A 411 -17.20 12.42 11.22
C ASP A 411 -15.79 12.97 11.30
N PHE A 412 -14.84 12.26 10.73
CA PHE A 412 -13.44 12.67 10.82
C PHE A 412 -13.08 13.81 9.84
N THR A 413 -14.06 14.40 9.14
CA THR A 413 -13.88 15.70 8.48
C THR A 413 -14.25 16.90 9.35
N ASN A 414 -14.84 16.65 10.53
CA ASN A 414 -15.20 17.71 11.44
C ASN A 414 -14.00 18.04 12.37
N PRO A 415 -13.49 19.27 12.36
CA PRO A 415 -12.36 19.57 13.26
C PRO A 415 -12.66 19.29 14.72
N THR A 416 -13.92 19.50 15.15
CA THR A 416 -14.29 19.17 16.54
C THR A 416 -14.21 17.68 16.84
N ALA A 417 -14.58 16.85 15.87
CA ALA A 417 -14.41 15.39 16.00
C ALA A 417 -12.94 15.00 16.12
N LEU A 418 -12.07 15.69 15.38
CA LEU A 418 -10.62 15.44 15.52
C LEU A 418 -10.15 15.69 16.96
N ALA A 419 -10.62 16.80 17.55
CA ALA A 419 -10.23 17.18 18.90
C ALA A 419 -10.78 16.16 19.91
N TRP A 420 -12.03 15.75 19.68
CA TRP A 420 -12.66 14.72 20.49
C TRP A 420 -11.90 13.40 20.40
N TRP A 421 -11.48 13.02 19.19
CA TRP A 421 -10.74 11.76 19.02
C TRP A 421 -9.40 11.80 19.73
N GLU A 422 -8.68 12.89 19.53
CA GLU A 422 -7.43 13.13 20.28
C GLU A 422 -7.64 12.99 21.78
N ASP A 423 -8.73 13.59 22.28
CA ASP A 423 -9.05 13.52 23.71
C ASP A 423 -9.36 12.10 24.17
N MET A 424 -10.16 11.35 23.39
CA MET A 424 -10.53 9.97 23.79
C MET A 424 -9.30 9.06 23.79
N VAL A 425 -8.45 9.22 22.78
CA VAL A 425 -7.18 8.49 22.68
C VAL A 425 -6.24 8.85 23.86
N ALA A 426 -6.10 10.14 24.18
CA ALA A 426 -5.21 10.53 25.27
C ALA A 426 -5.73 10.03 26.62
N GLU A 427 -7.05 10.11 26.82
CA GLU A 427 -7.63 9.66 28.10
C GLU A 427 -7.49 8.16 28.27
N PHE A 428 -7.75 7.40 27.20
CA PHE A 428 -7.54 5.95 27.27
C PHE A 428 -6.07 5.61 27.47
N HIS A 429 -5.18 6.29 26.74
CA HIS A 429 -3.71 6.11 26.91
C HIS A 429 -3.22 6.38 28.34
N ASP A 430 -3.82 7.36 29.01
CA ASP A 430 -3.57 7.61 30.44
C ASP A 430 -3.88 6.39 31.32
N GLN A 431 -4.89 5.59 30.95
CA GLN A 431 -5.22 4.35 31.68
C GLN A 431 -4.34 3.15 31.29
N VAL A 432 -4.11 3.02 29.98
CA VAL A 432 -3.37 1.88 29.40
C VAL A 432 -2.44 2.41 28.31
N PRO A 433 -1.10 2.34 28.51
CA PRO A 433 -0.17 3.05 27.63
C PRO A 433 0.18 2.29 26.34
N PHE A 434 -0.85 2.10 25.51
CA PHE A 434 -0.72 1.40 24.22
C PHE A 434 0.19 2.24 23.30
N ASP A 435 0.82 1.57 22.32
CA ASP A 435 1.89 2.17 21.51
C ASP A 435 1.49 2.52 20.07
N GLY A 436 0.25 2.20 19.73
CA GLY A 436 -0.33 2.56 18.44
C GLY A 436 -1.78 2.11 18.35
N MET A 437 -2.33 2.17 17.15
CA MET A 437 -3.74 1.88 16.94
C MET A 437 -3.93 1.04 15.67
N TRP A 438 -4.67 -0.05 15.83
CA TRP A 438 -5.13 -0.89 14.74
C TRP A 438 -6.57 -0.42 14.45
N ILE A 439 -6.73 0.37 13.39
CA ILE A 439 -8.04 0.95 13.09
C ILE A 439 -8.74 0.12 12.03
N ASP A 440 -9.80 -0.54 12.44
CA ASP A 440 -10.55 -1.50 11.61
C ASP A 440 -11.90 -0.90 11.24
N MET A 441 -12.66 -1.56 10.37
CA MET A 441 -14.12 -1.32 10.19
C MET A 441 -14.41 0.08 9.62
N ASN A 442 -13.43 0.70 8.97
CA ASN A 442 -13.47 2.12 8.65
C ASN A 442 -13.69 2.40 7.18
N GLU A 443 -14.48 1.52 6.56
CA GLU A 443 -14.99 1.75 5.23
C GLU A 443 -16.01 2.91 5.08
N PRO A 444 -16.93 3.18 6.01
CA PRO A 444 -17.20 2.50 7.27
C PRO A 444 -18.13 1.31 7.16
N SER A 445 -17.84 0.28 7.93
CA SER A 445 -18.59 -0.98 7.89
C SER A 445 -19.84 -0.86 8.75
N ASN A 446 -20.94 -1.42 8.25
CA ASN A 446 -22.21 -1.41 8.95
C ASN A 446 -22.82 -2.78 8.76
N PHE A 447 -23.29 -3.41 9.84
CA PHE A 447 -23.91 -4.74 9.74
C PHE A 447 -25.34 -4.73 9.23
N ILE A 448 -25.92 -3.55 9.06
CA ILE A 448 -27.22 -3.42 8.46
C ILE A 448 -27.06 -2.41 7.34
N ARG A 449 -28.06 -2.35 6.48
CA ARG A 449 -28.01 -1.46 5.31
CA ARG A 449 -28.05 -1.47 5.30
C ARG A 449 -28.35 -0.01 5.69
N GLY A 450 -27.36 0.86 5.58
CA GLY A 450 -27.57 2.31 5.73
C GLY A 450 -27.67 2.81 7.17
N SER A 451 -28.79 2.49 7.82
CA SER A 451 -29.03 2.86 9.23
C SER A 451 -30.14 2.03 9.78
N GLU A 452 -30.28 2.04 11.09
CA GLU A 452 -31.43 1.39 11.76
C GLU A 452 -32.73 1.88 11.16
N ASP A 453 -32.74 3.09 10.62
CA ASP A 453 -33.97 3.66 10.08
C ASP A 453 -33.97 3.67 8.56
N GLY A 454 -33.17 2.80 7.93
CA GLY A 454 -32.99 2.82 6.49
C GLY A 454 -32.47 4.18 6.03
N CYS A 455 -32.73 4.48 4.77
CA CYS A 455 -32.27 5.73 4.17
C CYS A 455 -33.39 6.33 3.34
N PRO A 456 -33.38 7.66 3.17
CA PRO A 456 -34.38 8.30 2.32
C PRO A 456 -34.23 7.95 0.83
N ASN A 457 -35.26 8.23 0.06
CA ASN A 457 -35.22 8.03 -1.37
C ASN A 457 -34.84 9.34 -2.03
N ASN A 458 -33.58 9.45 -2.44
CA ASN A 458 -33.12 10.62 -3.18
C ASN A 458 -32.05 10.19 -4.15
N GLU A 459 -31.54 11.15 -4.92
CA GLU A 459 -30.62 10.90 -6.01
C GLU A 459 -29.24 10.53 -5.55
N LEU A 460 -28.88 10.87 -4.32
CA LEU A 460 -27.62 10.39 -3.77
C LEU A 460 -27.71 8.91 -3.36
N GLU A 461 -28.81 8.52 -2.71
CA GLU A 461 -29.01 7.09 -2.37
C GLU A 461 -29.28 6.23 -3.61
N ASN A 462 -29.95 6.81 -4.61
CA ASN A 462 -30.34 6.12 -5.86
C ASN A 462 -29.85 6.89 -7.09
N PRO A 463 -28.54 6.85 -7.35
CA PRO A 463 -27.98 7.70 -8.39
C PRO A 463 -28.18 7.11 -9.78
N PRO A 464 -28.10 7.93 -10.83
CA PRO A 464 -28.43 7.44 -12.18
C PRO A 464 -27.42 6.40 -12.67
N TYR A 465 -26.19 6.41 -12.15
CA TYR A 465 -25.21 5.38 -12.48
C TYR A 465 -24.67 4.80 -11.22
N VAL A 466 -24.93 3.51 -11.01
CA VAL A 466 -24.39 2.80 -9.84
C VAL A 466 -23.23 1.93 -10.28
N PRO A 467 -22.00 2.22 -9.80
CA PRO A 467 -20.87 1.39 -10.16
C PRO A 467 -21.04 -0.07 -9.73
N GLY A 468 -20.15 -0.93 -10.22
CA GLY A 468 -20.31 -2.37 -10.06
C GLY A 468 -20.00 -2.86 -8.66
N VAL A 469 -20.59 -2.21 -7.66
CA VAL A 469 -20.32 -2.54 -6.24
C VAL A 469 -21.00 -3.84 -5.80
N VAL A 470 -20.35 -4.59 -4.92
CA VAL A 470 -20.99 -5.73 -4.30
C VAL A 470 -22.28 -5.29 -3.62
N GLY A 471 -23.36 -6.01 -3.91
CA GLY A 471 -24.67 -5.70 -3.38
C GLY A 471 -25.48 -4.78 -4.27
N GLY A 472 -24.87 -4.19 -5.30
CA GLY A 472 -25.63 -3.34 -6.22
C GLY A 472 -26.18 -2.00 -5.72
N THR A 473 -25.78 -1.57 -4.53
CA THR A 473 -26.20 -0.29 -3.96
C THR A 473 -25.01 0.34 -3.20
N LEU A 474 -24.97 1.66 -3.16
CA LEU A 474 -23.97 2.36 -2.36
C LEU A 474 -24.15 2.20 -0.83
N GLN A 475 -25.35 1.80 -0.40
CA GLN A 475 -25.62 1.66 1.04
CA GLN A 475 -25.72 1.62 1.01
C GLN A 475 -25.24 0.29 1.57
N ALA A 476 -25.03 -0.68 0.67
CA ALA A 476 -24.73 -2.04 1.13
C ALA A 476 -23.53 -2.08 2.06
N ALA A 477 -23.78 -2.59 3.28
CA ALA A 477 -22.76 -2.82 4.30
C ALA A 477 -22.10 -1.55 4.79
N THR A 478 -22.78 -0.42 4.60
CA THR A 478 -22.22 0.85 5.05
C THR A 478 -23.37 1.78 5.46
N ILE A 479 -23.09 3.08 5.51
CA ILE A 479 -24.09 4.04 5.93
C ILE A 479 -24.72 4.75 4.74
N CYS A 480 -25.81 5.45 4.99
CA CYS A 480 -26.55 6.17 3.96
C CYS A 480 -25.63 7.14 3.24
N ALA A 481 -25.73 7.13 1.93
CA ALA A 481 -24.97 8.03 1.05
C ALA A 481 -25.34 9.50 1.21
N SER A 482 -26.58 9.80 1.60
CA SER A 482 -26.99 11.19 1.74
C SER A 482 -26.82 11.69 3.17
N SER A 483 -26.19 10.89 4.06
CA SER A 483 -25.92 11.37 5.43
C SER A 483 -24.94 12.52 5.38
N HIS A 484 -24.92 13.34 6.44
CA HIS A 484 -24.12 14.57 6.39
CA HIS A 484 -24.18 14.63 6.48
C HIS A 484 -22.85 14.57 7.24
N GLN A 485 -21.77 15.06 6.60
CA GLN A 485 -20.49 15.25 7.24
C GLN A 485 -20.18 16.75 7.14
N PHE A 486 -19.18 17.19 7.88
CA PHE A 486 -18.83 18.59 7.93
C PHE A 486 -18.48 19.14 6.53
N LEU A 487 -17.69 18.38 5.75
CA LEU A 487 -17.20 18.89 4.46
C LEU A 487 -18.18 18.68 3.32
N SER A 488 -18.98 17.63 3.39
CA SER A 488 -19.90 17.30 2.31
C SER A 488 -20.75 16.14 2.75
N THR A 489 -21.56 15.61 1.82
CA THR A 489 -22.30 14.39 2.07
C THR A 489 -21.37 13.15 2.03
N HIS A 490 -21.82 12.11 2.71
CA HIS A 490 -21.12 10.84 2.66
C HIS A 490 -20.91 10.28 1.24
N TYR A 491 -21.86 10.55 0.37
CA TYR A 491 -21.74 10.22 -1.04
C TYR A 491 -20.37 10.61 -1.63
N ASN A 492 -19.95 11.84 -1.35
CA ASN A 492 -18.66 12.34 -1.82
C ASN A 492 -17.43 11.86 -1.02
N LEU A 493 -17.63 11.61 0.28
CA LEU A 493 -16.54 11.44 1.26
C LEU A 493 -16.30 10.00 1.69
N HIS A 494 -17.21 9.09 1.31
CA HIS A 494 -17.16 7.69 1.73
C HIS A 494 -15.79 7.08 1.52
N ASN A 495 -15.21 7.24 0.33
CA ASN A 495 -13.91 6.62 0.05
C ASN A 495 -12.77 7.22 0.85
N LEU A 496 -13.02 8.35 1.51
CA LEU A 496 -12.03 8.96 2.42
C LEU A 496 -12.23 8.59 3.88
N TYR A 497 -13.27 7.83 4.23
CA TYR A 497 -13.55 7.64 5.64
C TYR A 497 -12.32 7.13 6.41
N GLY A 498 -11.75 6.05 5.89
CA GLY A 498 -10.60 5.41 6.51
C GLY A 498 -9.41 6.34 6.59
N LEU A 499 -9.10 6.97 5.46
CA LEU A 499 -8.04 7.94 5.39
C LEU A 499 -8.18 9.02 6.45
N THR A 500 -9.38 9.60 6.57
CA THR A 500 -9.58 10.69 7.52
C THR A 500 -9.41 10.18 8.96
N GLU A 501 -9.85 8.96 9.24
CA GLU A 501 -9.61 8.35 10.55
C GLU A 501 -8.09 8.13 10.79
N ALA A 502 -7.38 7.75 9.74
CA ALA A 502 -5.95 7.49 9.87
C ALA A 502 -5.19 8.79 10.19
N ILE A 503 -5.57 9.88 9.52
CA ILE A 503 -5.03 11.19 9.85
C ILE A 503 -5.34 11.60 11.29
N ALA A 504 -6.60 11.44 11.71
CA ALA A 504 -7.02 11.76 13.10
C ALA A 504 -6.23 10.95 14.14
N SER A 505 -6.03 9.69 13.86
CA SER A 505 -5.38 8.75 14.78
C SER A 505 -3.87 9.02 14.87
N HIS A 506 -3.27 9.36 13.72
CA HIS A 506 -1.87 9.75 13.60
C HIS A 506 -1.62 10.95 14.52
N ARG A 507 -2.42 12.00 14.35
CA ARG A 507 -2.35 13.22 15.17
C ARG A 507 -2.61 12.95 16.67
N ALA A 508 -3.62 12.15 16.96
CA ALA A 508 -3.93 11.74 18.33
C ALA A 508 -2.75 11.04 19.02
N LEU A 509 -2.07 10.16 18.29
CA LEU A 509 -0.95 9.39 18.85
C LEU A 509 0.28 10.25 19.03
N VAL A 510 0.50 11.19 18.12
CA VAL A 510 1.58 12.16 18.26
C VAL A 510 1.39 12.97 19.54
N LYS A 511 0.17 13.49 19.74
CA LYS A 511 -0.12 14.29 20.92
C LYS A 511 -0.09 13.48 22.22
N ALA A 512 -0.62 12.26 22.18
CA ALA A 512 -0.65 11.44 23.40
C ALA A 512 0.73 10.93 23.82
N ARG A 513 1.60 10.57 22.87
CA ARG A 513 2.86 9.89 23.19
C ARG A 513 4.13 10.68 22.92
N GLY A 514 4.08 11.66 22.03
CA GLY A 514 5.25 12.49 21.75
C GLY A 514 6.33 11.86 20.89
N THR A 515 6.05 10.68 20.34
CA THR A 515 6.96 10.01 19.44
C THR A 515 6.21 9.58 18.18
N ARG A 516 6.93 9.06 17.20
CA ARG A 516 6.34 8.58 15.94
C ARG A 516 5.09 7.71 16.09
N PRO A 517 4.02 8.00 15.32
CA PRO A 517 2.83 7.17 15.42
C PRO A 517 2.93 5.87 14.65
N PHE A 518 2.17 4.87 15.08
CA PHE A 518 2.08 3.60 14.38
C PHE A 518 0.61 3.22 14.22
N VAL A 519 0.08 3.47 13.02
CA VAL A 519 -1.32 3.25 12.72
C VAL A 519 -1.41 2.26 11.57
N ILE A 520 -2.20 1.21 11.76
CA ILE A 520 -2.45 0.19 10.73
C ILE A 520 -3.96 0.18 10.47
N SER A 521 -4.34 0.42 9.22
CA SER A 521 -5.73 0.72 8.88
C SER A 521 -6.22 -0.28 7.88
N ARG A 522 -7.48 -0.67 7.99
CA ARG A 522 -8.07 -1.51 6.94
C ARG A 522 -8.40 -0.71 5.70
N SER A 523 -9.29 0.28 5.83
CA SER A 523 -9.67 1.12 4.71
C SER A 523 -8.61 2.19 4.42
N THR A 524 -8.40 2.45 3.13
CA THR A 524 -7.43 3.43 2.66
C THR A 524 -7.93 4.18 1.42
N PHE A 525 -7.29 5.31 1.17
CA PHE A 525 -7.41 6.07 -0.09
C PHE A 525 -6.03 6.55 -0.49
N ALA A 526 -5.90 6.97 -1.74
CA ALA A 526 -4.67 7.62 -2.21
C ALA A 526 -4.14 8.65 -1.21
N GLY A 527 -2.86 8.51 -0.87
CA GLY A 527 -2.21 9.39 0.10
C GLY A 527 -2.15 8.83 1.50
N HIS A 528 -2.76 7.67 1.71
CA HIS A 528 -2.81 7.01 3.02
C HIS A 528 -1.47 6.80 3.66
N GLY A 529 -0.49 6.44 2.83
CA GLY A 529 0.84 6.11 3.31
C GLY A 529 1.59 7.21 4.01
N ARG A 530 1.20 8.46 3.76
CA ARG A 530 1.71 9.61 4.50
C ARG A 530 1.42 9.56 6.00
N TYR A 531 0.40 8.81 6.39
CA TYR A 531 -0.04 8.73 7.79
C TYR A 531 0.02 7.36 8.41
N ALA A 532 -0.05 6.30 7.61
CA ALA A 532 -0.34 4.99 8.19
C ALA A 532 0.01 3.86 7.26
N GLY A 533 -0.07 2.66 7.81
CA GLY A 533 0.13 1.44 7.05
C GLY A 533 -1.20 0.77 6.82
N HIS A 534 -1.13 -0.45 6.28
CA HIS A 534 -2.32 -1.22 5.89
C HIS A 534 -2.05 -2.71 6.04
N TRP A 535 -3.09 -3.48 6.39
CA TRP A 535 -3.06 -4.92 6.22
C TRP A 535 -4.21 -5.27 5.28
N THR A 536 -4.08 -6.37 4.56
CA THR A 536 -4.98 -6.70 3.45
C THR A 536 -6.31 -7.36 3.86
N GLY A 537 -6.57 -7.47 5.15
CA GLY A 537 -7.88 -7.82 5.67
C GLY A 537 -8.10 -9.30 5.80
N ASP A 538 -9.34 -9.70 5.62
CA ASP A 538 -9.76 -11.05 6.00
C ASP A 538 -9.46 -12.09 4.95
N VAL A 539 -8.18 -12.38 4.77
CA VAL A 539 -7.73 -13.38 3.82
C VAL A 539 -7.86 -14.78 4.40
N TRP A 540 -8.25 -15.73 3.56
CA TRP A 540 -8.31 -17.14 3.94
C TRP A 540 -6.95 -17.76 4.13
N SER A 541 -6.88 -18.72 5.04
CA SER A 541 -5.71 -19.56 5.19
C SER A 541 -5.70 -20.57 4.05
N SER A 542 -5.31 -20.11 2.86
CA SER A 542 -5.27 -20.93 1.63
C SER A 542 -4.00 -20.65 0.86
N TRP A 543 -3.57 -21.61 0.05
CA TRP A 543 -2.41 -21.41 -0.83
C TRP A 543 -2.67 -20.32 -1.86
N GLU A 544 -3.89 -20.24 -2.36
CA GLU A 544 -4.31 -19.14 -3.23
C GLU A 544 -4.02 -17.76 -2.65
N GLN A 545 -4.45 -17.56 -1.41
CA GLN A 545 -4.32 -16.24 -0.79
C GLN A 545 -2.86 -15.98 -0.37
N LEU A 546 -2.11 -17.02 0.00
CA LEU A 546 -0.66 -16.82 0.17
C LEU A 546 -0.05 -16.23 -1.11
N ALA A 547 -0.30 -16.89 -2.24
CA ALA A 547 0.24 -16.42 -3.52
C ALA A 547 -0.27 -15.01 -3.87
N SER A 548 -1.56 -14.77 -3.69
CA SER A 548 -2.16 -13.46 -3.97
C SER A 548 -1.63 -12.34 -3.10
N SER A 549 -1.12 -12.66 -1.92
CA SER A 549 -0.52 -11.62 -1.07
C SER A 549 0.70 -10.96 -1.71
N VAL A 550 1.41 -11.65 -2.62
CA VAL A 550 2.64 -11.05 -3.18
C VAL A 550 2.27 -9.84 -4.07
N PRO A 551 1.46 -10.05 -5.13
CA PRO A 551 1.06 -8.85 -5.91
C PRO A 551 0.37 -7.75 -5.10
N GLU A 552 -0.41 -8.12 -4.09
CA GLU A 552 -1.10 -7.11 -3.32
C GLU A 552 -0.12 -6.24 -2.48
N ILE A 553 0.86 -6.86 -1.85
CA ILE A 553 1.89 -6.10 -1.11
C ILE A 553 2.70 -5.21 -2.04
N LEU A 554 3.03 -5.74 -3.21
CA LEU A 554 3.74 -4.94 -4.23
C LEU A 554 2.88 -3.75 -4.72
N GLN A 555 1.60 -4.00 -4.93
CA GLN A 555 0.68 -2.95 -5.38
C GLN A 555 0.66 -1.76 -4.43
N PHE A 556 0.57 -2.03 -3.13
CA PHE A 556 0.48 -1.00 -2.12
C PHE A 556 1.78 -0.23 -1.98
N ASN A 557 2.91 -0.90 -2.17
CA ASN A 557 4.19 -0.19 -2.30
C ASN A 557 4.24 0.81 -3.45
N LEU A 558 3.70 0.44 -4.61
CA LEU A 558 3.66 1.36 -5.76
C LEU A 558 2.70 2.53 -5.47
N LEU A 559 1.75 2.30 -4.57
CA LEU A 559 0.79 3.33 -4.16
C LEU A 559 1.20 4.16 -2.96
N GLY A 560 2.44 3.96 -2.53
CA GLY A 560 3.03 4.76 -1.48
C GLY A 560 2.59 4.35 -0.10
N VAL A 561 2.17 3.09 0.06
CA VAL A 561 1.80 2.54 1.37
C VAL A 561 2.73 1.33 1.60
N PRO A 562 4.03 1.61 1.81
CA PRO A 562 4.98 0.51 1.89
C PRO A 562 4.86 -0.31 3.17
N LEU A 563 4.30 0.28 4.24
CA LEU A 563 4.05 -0.47 5.46
C LEU A 563 2.77 -1.28 5.27
N VAL A 564 2.94 -2.44 4.65
CA VAL A 564 1.79 -3.28 4.24
C VAL A 564 2.17 -4.74 4.39
N GLY A 565 1.18 -5.56 4.72
CA GLY A 565 1.30 -7.01 4.72
C GLY A 565 -0.05 -7.68 4.85
N ALA A 566 -0.04 -9.02 4.78
CA ALA A 566 -1.20 -9.82 5.03
C ALA A 566 -1.03 -10.53 6.36
N ASP A 567 -2.15 -10.98 6.93
CA ASP A 567 -2.13 -11.81 8.15
C ASP A 567 -1.36 -13.09 7.88
N VAL A 568 -0.21 -13.21 8.53
CA VAL A 568 0.68 -14.35 8.28
C VAL A 568 0.01 -15.65 8.77
N CYS A 569 0.02 -16.64 7.88
CA CYS A 569 -0.69 -17.91 7.93
C CYS A 569 -2.18 -17.83 7.60
N GLY A 570 -2.66 -16.61 7.30
CA GLY A 570 -4.03 -16.39 6.91
C GLY A 570 -4.92 -16.18 8.12
N PHE A 571 -5.98 -15.39 7.90
CA PHE A 571 -6.94 -15.02 8.92
C PHE A 571 -8.08 -16.03 9.05
N LEU A 572 -8.84 -16.18 7.98
CA LEU A 572 -10.05 -17.02 8.01
C LEU A 572 -9.74 -18.50 7.88
N GLY A 573 -10.54 -19.32 8.55
CA GLY A 573 -10.41 -20.76 8.42
C GLY A 573 -9.24 -21.26 9.23
N ASN A 574 -8.79 -22.47 8.92
CA ASN A 574 -7.72 -23.13 9.65
C ASN A 574 -6.52 -23.29 8.76
N THR A 575 -5.36 -22.81 9.22
CA THR A 575 -4.12 -23.00 8.51
C THR A 575 -3.70 -24.47 8.66
N SER A 576 -2.81 -24.92 7.79
CA SER A 576 -2.11 -26.18 7.96
C SER A 576 -0.66 -25.85 8.31
N GLU A 577 0.06 -26.82 8.85
CA GLU A 577 1.45 -26.61 9.25
C GLU A 577 2.31 -26.18 8.06
N GLU A 578 2.16 -26.90 6.95
CA GLU A 578 2.95 -26.64 5.75
C GLU A 578 2.69 -25.24 5.23
N LEU A 579 1.41 -24.84 5.17
CA LEU A 579 1.05 -23.50 4.72
C LEU A 579 1.66 -22.45 5.63
N CYS A 580 1.59 -22.69 6.94
CA CYS A 580 2.05 -21.69 7.87
C CYS A 580 3.59 -21.56 7.86
N VAL A 581 4.31 -22.66 7.59
CA VAL A 581 5.74 -22.56 7.31
C VAL A 581 6.02 -21.66 6.08
N ARG A 582 5.43 -21.98 4.94
CA ARG A 582 5.65 -21.19 3.72
C ARG A 582 5.17 -19.75 3.82
N TRP A 583 4.06 -19.52 4.55
CA TRP A 583 3.52 -18.18 4.77
C TRP A 583 4.42 -17.41 5.73
N THR A 584 5.00 -18.07 6.73
CA THR A 584 5.91 -17.39 7.62
C THR A 584 7.19 -17.01 6.89
N GLN A 585 7.69 -17.91 6.04
CA GLN A 585 8.88 -17.64 5.22
C GLN A 585 8.69 -16.43 4.31
N LEU A 586 7.59 -16.41 3.56
CA LEU A 586 7.32 -15.28 2.66
C LEU A 586 6.94 -14.03 3.45
N GLY A 587 6.11 -14.22 4.48
CA GLY A 587 5.60 -13.09 5.26
C GLY A 587 6.66 -12.39 6.08
N ALA A 588 7.80 -13.07 6.34
CA ALA A 588 8.97 -12.43 6.93
C ALA A 588 9.54 -11.37 6.01
N PHE A 589 9.13 -11.38 4.74
CA PHE A 589 9.46 -10.34 3.80
C PHE A 589 8.32 -9.35 3.50
N TYR A 590 7.20 -9.44 4.22
CA TYR A 590 6.23 -8.33 4.18
C TYR A 590 6.89 -7.16 4.95
N PRO A 591 6.76 -5.91 4.46
CA PRO A 591 7.32 -4.83 5.26
C PRO A 591 6.63 -4.66 6.63
N PHE A 592 5.34 -4.98 6.70
CA PHE A 592 4.60 -5.13 7.95
C PHE A 592 4.26 -6.61 8.19
N MET A 593 4.84 -7.17 9.25
CA MET A 593 4.76 -8.60 9.53
C MET A 593 3.97 -8.90 10.83
N ARG A 594 2.75 -9.36 10.64
CA ARG A 594 1.84 -9.72 11.70
C ARG A 594 1.15 -11.03 11.36
N ASN A 595 1.20 -11.96 12.33
CA ASN A 595 0.41 -13.16 12.29
C ASN A 595 -0.84 -12.83 13.10
N HIS A 596 -2.00 -12.99 12.47
CA HIS A 596 -3.30 -12.68 13.09
C HIS A 596 -4.27 -13.77 12.66
N ASN A 597 -5.27 -14.03 13.49
CA ASN A 597 -6.07 -15.25 13.38
C ASN A 597 -7.50 -15.02 13.88
N SER A 598 -8.49 -15.68 13.26
CA SER A 598 -9.91 -15.46 13.61
CA SER A 598 -9.91 -15.47 13.60
C SER A 598 -10.33 -16.25 14.85
N LEU A 599 -11.47 -15.85 15.39
CA LEU A 599 -11.96 -16.33 16.68
C LEU A 599 -12.08 -17.85 16.76
N LEU A 600 -12.65 -18.49 15.73
CA LEU A 600 -12.93 -19.92 15.79
C LEU A 600 -11.83 -20.80 15.18
N SER A 601 -10.77 -20.19 14.65
CA SER A 601 -9.71 -20.94 14.01
C SER A 601 -8.78 -21.68 15.02
N LEU A 602 -8.15 -22.75 14.54
CA LEU A 602 -7.10 -23.45 15.26
C LEU A 602 -5.90 -22.50 15.50
N PRO A 603 -5.18 -22.68 16.60
CA PRO A 603 -4.07 -21.73 16.85
C PRO A 603 -2.97 -21.80 15.79
N GLN A 604 -2.30 -20.68 15.52
CA GLN A 604 -1.23 -20.66 14.53
C GLN A 604 -0.04 -19.78 14.92
N GLU A 605 0.21 -19.68 16.24
CA GLU A 605 1.41 -19.01 16.73
C GLU A 605 2.58 -19.95 16.41
N PRO A 606 3.78 -19.40 16.13
CA PRO A 606 4.96 -20.20 15.79
C PRO A 606 5.21 -21.37 16.75
N TYR A 607 5.03 -21.14 18.05
CA TYR A 607 5.24 -22.21 19.06
C TYR A 607 4.19 -23.33 19.07
N SER A 608 3.09 -23.18 18.34
CA SER A 608 2.01 -24.19 18.36
C SER A 608 2.20 -25.35 17.36
N PHE A 609 3.30 -25.35 16.60
CA PHE A 609 3.57 -26.35 15.56
C PHE A 609 4.63 -27.37 15.96
N SER A 610 4.83 -28.39 15.12
CA SER A 610 5.86 -29.39 15.35
C SER A 610 7.24 -28.73 15.34
N GLU A 611 8.21 -29.44 15.89
CA GLU A 611 9.58 -28.96 16.02
C GLU A 611 10.24 -28.55 14.69
N PRO A 612 10.10 -29.37 13.64
CA PRO A 612 10.70 -28.95 12.40
C PRO A 612 10.08 -27.68 11.85
N ALA A 613 8.76 -27.55 11.96
CA ALA A 613 8.07 -26.33 11.54
C ALA A 613 8.52 -25.12 12.35
N GLN A 614 8.64 -25.30 13.66
CA GLN A 614 9.14 -24.25 14.54
C GLN A 614 10.52 -23.76 14.15
N GLN A 615 11.40 -24.70 13.82
CA GLN A 615 12.77 -24.35 13.39
C GLN A 615 12.73 -23.47 12.16
N ALA A 616 11.93 -23.88 11.17
CA ALA A 616 11.80 -23.11 9.93
C ALA A 616 11.22 -21.73 10.14
N MET A 617 10.19 -21.63 10.99
CA MET A 617 9.59 -20.36 11.37
C MET A 617 10.58 -19.45 12.13
N ARG A 618 11.29 -20.03 13.09
CA ARG A 618 12.33 -19.32 13.87
C ARG A 618 13.41 -18.76 12.95
N LYS A 619 13.85 -19.56 11.98
CA LYS A 619 14.85 -19.14 10.99
C LYS A 619 14.36 -17.93 10.20
N ALA A 620 13.11 -18.00 9.76
CA ALA A 620 12.49 -16.88 9.04
C ALA A 620 12.49 -15.56 9.84
N LEU A 621 12.09 -15.66 11.11
CA LEU A 621 12.06 -14.52 11.99
C LEU A 621 13.46 -14.01 12.31
N THR A 622 14.42 -14.92 12.51
CA THR A 622 15.82 -14.56 12.79
C THR A 622 16.45 -13.80 11.62
N LEU A 623 16.20 -14.28 10.41
CA LEU A 623 16.72 -13.61 9.20
C LEU A 623 16.12 -12.22 9.03
N ARG A 624 14.82 -12.10 9.27
CA ARG A 624 14.17 -10.77 9.28
C ARG A 624 14.84 -9.81 10.28
N TYR A 625 15.04 -10.27 11.52
CA TYR A 625 15.66 -9.44 12.55
C TYR A 625 17.09 -9.08 12.16
N ALA A 626 17.85 -10.02 11.56
CA ALA A 626 19.20 -9.69 11.06
C ALA A 626 19.19 -8.56 10.03
N LEU A 627 18.16 -8.55 9.19
CA LEU A 627 18.00 -7.61 8.10
C LEU A 627 17.39 -6.27 8.50
N LEU A 628 16.97 -6.10 9.76
CA LEU A 628 16.23 -4.91 10.14
C LEU A 628 16.93 -3.59 9.87
N PRO A 629 18.26 -3.50 10.07
CA PRO A 629 18.90 -2.22 9.72
C PRO A 629 18.71 -1.81 8.24
N HIS A 630 18.77 -2.79 7.37
CA HIS A 630 18.54 -2.64 5.95
C HIS A 630 17.09 -2.29 5.67
N LEU A 631 16.14 -3.06 6.21
CA LEU A 631 14.71 -2.73 6.05
C LEU A 631 14.41 -1.30 6.51
N TYR A 632 14.95 -0.93 7.67
CA TYR A 632 14.77 0.44 8.18
C TYR A 632 15.32 1.49 7.23
N THR A 633 16.49 1.23 6.65
CA THR A 633 17.07 2.14 5.67
C THR A 633 16.24 2.24 4.41
N LEU A 634 15.65 1.11 3.99
CA LEU A 634 14.70 1.14 2.87
C LEU A 634 13.48 2.02 3.19
N PHE A 635 12.99 1.95 4.44
CA PHE A 635 11.87 2.84 4.87
C PHE A 635 12.28 4.30 4.87
N HIS A 636 13.50 4.58 5.30
CA HIS A 636 14.04 5.92 5.22
C HIS A 636 14.04 6.43 3.78
N GLN A 637 14.46 5.59 2.83
CA GLN A 637 14.45 6.01 1.42
C GLN A 637 13.05 6.26 0.89
N ALA A 638 12.09 5.46 1.35
CA ALA A 638 10.69 5.67 0.98
C ALA A 638 10.24 7.00 1.51
N HIS A 639 10.57 7.26 2.76
CA HIS A 639 10.14 8.47 3.46
C HIS A 639 10.76 9.76 2.88
N VAL A 640 12.01 9.71 2.43
CA VAL A 640 12.69 10.94 1.96
C VAL A 640 12.72 11.11 0.47
N ALA A 641 12.52 10.04 -0.28
CA ALA A 641 12.63 10.10 -1.72
C ALA A 641 11.50 9.40 -2.46
N GLY A 642 10.46 8.94 -1.77
CA GLY A 642 9.32 8.33 -2.44
C GLY A 642 9.59 6.99 -3.12
N GLU A 643 10.61 6.30 -2.64
CA GLU A 643 10.96 4.97 -3.12
C GLU A 643 9.99 3.94 -2.58
N THR A 644 9.96 2.78 -3.23
CA THR A 644 9.28 1.60 -2.73
C THR A 644 10.19 0.81 -1.80
N VAL A 645 9.59 0.03 -0.92
CA VAL A 645 10.33 -0.87 -0.01
C VAL A 645 10.34 -2.28 -0.60
N ALA A 646 9.18 -2.92 -0.66
CA ALA A 646 9.01 -4.12 -1.48
C ALA A 646 8.65 -3.69 -2.90
N ARG A 647 9.35 -4.20 -3.90
CA ARG A 647 9.08 -3.78 -5.29
C ARG A 647 9.07 -4.92 -6.29
N PRO A 648 8.23 -4.78 -7.33
CA PRO A 648 8.25 -5.83 -8.32
C PRO A 648 9.54 -5.77 -9.11
N LEU A 649 9.88 -6.88 -9.73
CA LEU A 649 11.07 -6.95 -10.57
C LEU A 649 11.02 -5.89 -11.66
N PHE A 650 9.84 -5.62 -12.22
CA PHE A 650 9.76 -4.66 -13.32
C PHE A 650 10.10 -3.23 -12.90
N LEU A 651 9.94 -2.90 -11.62
CA LEU A 651 10.32 -1.56 -11.15
C LEU A 651 11.78 -1.37 -11.20
N GLU A 652 12.52 -2.45 -10.93
CA GLU A 652 13.97 -2.38 -10.87
C GLU A 652 14.64 -2.70 -12.19
N PHE A 653 14.01 -3.55 -13.03
CA PHE A 653 14.54 -3.95 -14.34
C PHE A 653 13.49 -3.74 -15.44
N PRO A 654 13.00 -2.49 -15.59
CA PRO A 654 11.92 -2.19 -16.53
C PRO A 654 12.23 -2.51 -17.99
N LYS A 655 13.49 -2.42 -18.37
CA LYS A 655 13.92 -2.68 -19.75
C LYS A 655 13.99 -4.15 -20.12
N ASP A 656 13.85 -5.04 -19.13
CA ASP A 656 13.75 -6.46 -19.39
C ASP A 656 12.25 -6.81 -19.40
N SER A 657 11.68 -6.93 -20.59
CA SER A 657 10.24 -7.16 -20.71
C SER A 657 9.79 -8.48 -20.08
N SER A 658 10.68 -9.45 -19.89
CA SER A 658 10.34 -10.68 -19.15
C SER A 658 9.90 -10.43 -17.70
N THR A 659 10.33 -9.31 -17.11
CA THR A 659 9.94 -9.00 -15.75
C THR A 659 8.53 -8.47 -15.64
N TRP A 660 7.94 -8.01 -16.77
CA TRP A 660 6.71 -7.23 -16.69
C TRP A 660 5.55 -7.98 -16.03
N THR A 661 5.41 -9.29 -16.27
CA THR A 661 4.31 -10.07 -15.66
C THR A 661 4.70 -10.89 -14.42
N VAL A 662 5.93 -10.74 -13.93
CA VAL A 662 6.35 -11.44 -12.73
C VAL A 662 5.73 -10.76 -11.51
N ASP A 663 4.92 -11.51 -10.76
CA ASP A 663 4.48 -11.04 -9.45
C ASP A 663 4.42 -12.11 -8.35
N HIS A 664 5.08 -13.27 -8.53
CA HIS A 664 5.29 -14.23 -7.45
C HIS A 664 6.74 -14.23 -6.89
N GLN A 665 7.52 -13.26 -7.34
CA GLN A 665 8.76 -12.86 -6.69
C GLN A 665 8.65 -11.41 -6.27
N LEU A 666 9.49 -11.01 -5.32
CA LEU A 666 9.57 -9.62 -4.93
C LEU A 666 11.00 -9.24 -4.63
N LEU A 667 11.26 -7.94 -4.72
CA LEU A 667 12.52 -7.39 -4.25
C LEU A 667 12.27 -6.58 -2.98
N TRP A 668 13.24 -6.62 -2.08
CA TRP A 668 13.44 -5.56 -1.11
C TRP A 668 14.48 -4.61 -1.71
N GLY A 669 14.10 -3.37 -1.90
CA GLY A 669 14.92 -2.37 -2.57
C GLY A 669 15.45 -2.85 -3.90
N GLU A 670 16.71 -2.49 -4.17
CA GLU A 670 17.32 -2.79 -5.45
C GLU A 670 17.92 -4.17 -5.50
N ALA A 671 18.23 -4.76 -4.34
CA ALA A 671 19.28 -5.79 -4.27
C ALA A 671 18.91 -7.17 -3.72
N LEU A 672 17.77 -7.31 -3.04
CA LEU A 672 17.42 -8.59 -2.40
C LEU A 672 16.22 -9.23 -3.09
N LEU A 673 16.45 -10.36 -3.75
CA LEU A 673 15.43 -11.03 -4.52
C LEU A 673 14.91 -12.22 -3.72
N ILE A 674 13.60 -12.23 -3.49
CA ILE A 674 12.93 -13.28 -2.74
C ILE A 674 12.05 -14.09 -3.71
N THR A 675 12.24 -15.40 -3.72
CA THR A 675 11.55 -16.30 -4.62
C THR A 675 10.86 -17.38 -3.78
N PRO A 676 9.64 -17.12 -3.28
CA PRO A 676 8.98 -18.03 -2.35
C PRO A 676 8.33 -19.23 -3.00
N VAL A 677 8.27 -20.34 -2.27
CA VAL A 677 7.34 -21.41 -2.60
C VAL A 677 5.93 -20.98 -2.15
N LEU A 678 4.98 -21.11 -3.06
CA LEU A 678 3.61 -20.63 -2.89
C LEU A 678 2.61 -21.73 -3.17
N GLN A 679 3.06 -22.99 -3.14
CA GLN A 679 2.20 -24.13 -3.42
C GLN A 679 2.55 -25.26 -2.49
N ALA A 680 1.54 -26.06 -2.15
CA ALA A 680 1.74 -27.22 -1.30
C ALA A 680 2.56 -28.30 -2.02
N GLY A 681 3.38 -29.02 -1.27
CA GLY A 681 4.07 -30.20 -1.77
C GLY A 681 5.28 -29.94 -2.66
N LYS A 682 5.72 -28.69 -2.77
CA LYS A 682 6.86 -28.39 -3.61
C LYS A 682 8.13 -28.38 -2.79
N ALA A 683 9.19 -28.94 -3.37
CA ALA A 683 10.53 -28.85 -2.82
C ALA A 683 11.46 -28.09 -3.77
N GLU A 684 10.88 -27.37 -4.72
CA GLU A 684 11.63 -26.52 -5.64
C GLU A 684 10.74 -25.38 -6.09
N VAL A 685 11.35 -24.37 -6.69
CA VAL A 685 10.63 -23.23 -7.24
C VAL A 685 11.39 -22.71 -8.44
N THR A 686 10.66 -22.19 -9.42
CA THR A 686 11.25 -21.56 -10.60
C THR A 686 10.97 -20.05 -10.58
N GLY A 687 12.04 -19.26 -10.65
CA GLY A 687 11.94 -17.79 -10.53
C GLY A 687 12.73 -17.17 -11.67
N TYR A 688 12.36 -15.94 -12.02
CA TYR A 688 13.11 -15.15 -12.97
C TYR A 688 14.28 -14.44 -12.30
N PHE A 689 15.45 -14.55 -12.93
CA PHE A 689 16.68 -13.86 -12.49
C PHE A 689 17.08 -12.88 -13.58
N PRO A 690 16.92 -11.57 -13.32
CA PRO A 690 17.41 -10.57 -14.27
C PRO A 690 18.92 -10.71 -14.50
N LEU A 691 19.38 -10.14 -15.61
CA LEU A 691 20.80 -10.15 -15.95
C LEU A 691 21.65 -9.67 -14.78
N GLY A 692 22.66 -10.46 -14.46
CA GLY A 692 23.48 -10.21 -13.28
C GLY A 692 23.90 -11.47 -12.57
N THR A 693 24.76 -11.28 -11.58
CA THR A 693 25.15 -12.32 -10.67
C THR A 693 24.33 -12.13 -9.40
N TRP A 694 23.73 -13.22 -8.93
CA TRP A 694 22.88 -13.23 -7.74
C TRP A 694 23.43 -14.25 -6.77
N TYR A 695 23.88 -13.78 -5.60
CA TYR A 695 24.49 -14.67 -4.62
C TYR A 695 23.44 -15.23 -3.70
N ASP A 696 23.57 -16.51 -3.37
CA ASP A 696 22.68 -17.14 -2.43
C ASP A 696 22.99 -16.60 -1.02
N LEU A 697 21.98 -15.98 -0.42
CA LEU A 697 22.12 -15.37 0.92
C LEU A 697 22.44 -16.37 2.02
N GLN A 698 22.10 -17.64 1.82
CA GLN A 698 22.49 -18.71 2.75
C GLN A 698 24.01 -18.93 2.86
N THR A 699 24.81 -18.39 1.94
CA THR A 699 26.28 -18.41 2.06
C THR A 699 26.85 -17.31 2.97
N VAL A 700 26.02 -16.37 3.42
CA VAL A 700 26.43 -15.38 4.41
C VAL A 700 26.19 -16.01 5.79
N PRO A 701 27.26 -16.22 6.59
CA PRO A 701 27.03 -16.76 7.94
C PRO A 701 26.34 -15.78 8.92
N ILE A 702 25.04 -15.99 9.13
CA ILE A 702 24.19 -15.26 10.09
C ILE A 702 24.02 -16.10 11.37
N GLU A 703 23.78 -15.43 12.51
CA GLU A 703 23.43 -16.09 13.78
C GLU A 703 22.21 -15.41 14.40
N PRO A 715 21.77 -29.80 -4.83
CA PRO A 715 22.92 -29.00 -5.19
C PRO A 715 22.56 -27.51 -5.26
N ARG A 716 22.83 -26.79 -4.18
CA ARG A 716 22.56 -25.34 -4.09
C ARG A 716 23.74 -24.53 -4.61
N GLU A 717 23.51 -23.71 -5.64
CA GLU A 717 24.58 -22.89 -6.22
C GLU A 717 24.87 -21.64 -5.35
N PRO A 718 26.16 -21.39 -5.03
CA PRO A 718 26.48 -20.15 -4.27
C PRO A 718 26.21 -18.84 -5.04
N ALA A 719 26.31 -18.86 -6.37
CA ALA A 719 26.01 -17.70 -7.22
C ALA A 719 25.24 -18.15 -8.45
N ILE A 720 24.17 -17.43 -8.78
CA ILE A 720 23.46 -17.63 -10.04
C ILE A 720 23.94 -16.55 -10.96
N HIS A 721 24.65 -16.95 -12.02
CA HIS A 721 25.11 -16.03 -13.07
C HIS A 721 24.09 -16.01 -14.19
N SER A 722 23.21 -14.99 -14.19
CA SER A 722 22.08 -14.99 -15.09
C SER A 722 22.28 -14.04 -16.25
N GLU A 723 21.74 -14.45 -17.40
CA GLU A 723 21.64 -13.63 -18.61
C GLU A 723 20.29 -12.92 -18.70
N GLY A 724 19.42 -13.13 -17.72
CA GLY A 724 18.01 -12.77 -17.83
C GLY A 724 17.29 -14.04 -18.22
N GLN A 725 16.92 -14.84 -17.22
CA GLN A 725 16.39 -16.16 -17.50
C GLN A 725 15.70 -16.73 -16.29
N TRP A 726 14.86 -17.73 -16.54
CA TRP A 726 14.18 -18.48 -15.51
C TRP A 726 15.12 -19.56 -14.99
N VAL A 727 15.10 -19.78 -13.68
CA VAL A 727 16.00 -20.69 -12.99
C VAL A 727 15.20 -21.44 -11.96
N THR A 728 15.37 -22.76 -11.96
CA THR A 728 14.73 -23.64 -10.99
C THR A 728 15.69 -23.82 -9.85
N LEU A 729 15.19 -23.56 -8.64
CA LEU A 729 15.99 -23.57 -7.43
C LEU A 729 15.48 -24.64 -6.50
N PRO A 730 16.40 -25.33 -5.76
CA PRO A 730 15.92 -26.18 -4.68
C PRO A 730 15.27 -25.34 -3.59
N ALA A 731 14.16 -25.84 -3.05
CA ALA A 731 13.39 -25.11 -2.06
C ALA A 731 12.63 -26.10 -1.21
N PRO A 732 13.36 -26.90 -0.42
CA PRO A 732 12.67 -27.79 0.51
C PRO A 732 11.96 -26.99 1.60
N LEU A 733 11.18 -27.70 2.44
CA LEU A 733 10.28 -27.09 3.40
C LEU A 733 10.98 -26.09 4.34
N ASP A 734 12.23 -26.35 4.68
CA ASP A 734 12.99 -25.46 5.58
C ASP A 734 13.58 -24.19 4.91
N THR A 735 13.36 -24.02 3.61
CA THR A 735 14.06 -23.03 2.80
C THR A 735 13.13 -22.04 2.12
N ILE A 736 13.54 -20.78 2.14
CA ILE A 736 13.07 -19.82 1.16
C ILE A 736 14.30 -19.27 0.45
N ASN A 737 14.22 -19.21 -0.87
CA ASN A 737 15.31 -18.65 -1.67
C ASN A 737 15.39 -17.16 -1.58
N VAL A 738 16.56 -16.69 -1.16
CA VAL A 738 16.81 -15.25 -1.07
C VAL A 738 18.17 -15.03 -1.69
N HIS A 739 18.24 -14.15 -2.68
CA HIS A 739 19.50 -13.83 -3.37
C HIS A 739 19.86 -12.36 -3.31
N LEU A 740 21.17 -12.12 -3.21
CA LEU A 740 21.70 -10.78 -3.08
C LEU A 740 22.40 -10.39 -4.40
N ARG A 741 21.93 -9.29 -4.99
CA ARG A 741 22.43 -8.76 -6.26
C ARG A 741 23.90 -8.28 -6.15
N ALA A 742 24.76 -8.75 -7.05
CA ALA A 742 26.15 -8.29 -7.13
C ALA A 742 26.20 -6.78 -7.39
N GLY A 743 27.09 -6.10 -6.68
CA GLY A 743 27.20 -4.65 -6.71
C GLY A 743 26.60 -3.97 -5.49
N TYR A 744 26.08 -4.74 -4.53
CA TYR A 744 25.38 -4.15 -3.37
C TYR A 744 25.95 -4.63 -2.07
N ILE A 745 25.91 -3.73 -1.09
CA ILE A 745 26.29 -4.01 0.28
C ILE A 745 25.07 -3.78 1.21
N ILE A 746 24.85 -4.75 2.10
CA ILE A 746 23.70 -4.80 2.98
C ILE A 746 24.18 -4.75 4.45
N PRO A 747 23.68 -3.79 5.25
CA PRO A 747 23.99 -3.80 6.69
C PRO A 747 23.09 -4.79 7.42
N LEU A 748 23.65 -5.48 8.39
CA LEU A 748 22.94 -6.48 9.20
C LEU A 748 23.24 -6.19 10.66
N GLN A 749 22.45 -6.77 11.56
CA GLN A 749 22.69 -6.63 12.99
C GLN A 749 22.41 -7.95 13.71
N GLY A 750 23.07 -8.13 14.85
CA GLY A 750 22.97 -9.34 15.65
C GLY A 750 21.57 -9.57 16.24
N PRO A 751 21.37 -10.76 16.85
CA PRO A 751 20.03 -11.23 17.17
C PRO A 751 19.44 -10.63 18.43
N GLY A 752 18.13 -10.78 18.55
CA GLY A 752 17.41 -10.41 19.75
C GLY A 752 15.98 -10.91 19.68
N LEU A 753 15.34 -11.11 20.83
CA LEU A 753 13.92 -11.43 20.84
C LEU A 753 13.05 -10.18 20.66
N THR A 754 13.65 -8.99 20.79
CA THR A 754 13.01 -7.73 20.49
C THR A 754 14.01 -6.81 19.83
N THR A 755 13.52 -5.74 19.21
CA THR A 755 14.40 -4.69 18.66
C THR A 755 15.08 -3.85 19.75
N THR A 756 14.50 -3.82 20.94
CA THR A 756 15.13 -3.19 22.10
C THR A 756 16.48 -3.90 22.37
N GLU A 757 16.45 -5.23 22.34
CA GLU A 757 17.65 -6.05 22.42
C GLU A 757 18.52 -5.99 21.13
N SER A 758 17.91 -6.22 19.98
CA SER A 758 18.66 -6.35 18.72
C SER A 758 19.45 -5.06 18.35
N ARG A 759 18.85 -3.90 18.58
CA ARG A 759 19.50 -2.62 18.27
C ARG A 759 20.81 -2.36 19.04
N GLN A 760 21.02 -3.06 20.16
CA GLN A 760 22.25 -2.97 20.95
C GLN A 760 23.35 -3.92 20.49
N GLN A 761 23.09 -4.78 19.50
CA GLN A 761 24.05 -5.78 19.10
C GLN A 761 25.07 -5.25 18.10
N PRO A 762 26.19 -5.96 17.93
CA PRO A 762 27.10 -5.67 16.84
C PRO A 762 26.46 -5.83 15.46
N MET A 763 26.95 -5.04 14.52
CA MET A 763 26.52 -5.09 13.14
C MET A 763 27.53 -5.84 12.27
N ALA A 764 27.08 -6.15 11.06
CA ALA A 764 27.87 -6.78 10.02
C ALA A 764 27.52 -6.17 8.67
N LEU A 765 28.41 -6.37 7.70
CA LEU A 765 28.14 -6.08 6.31
C LEU A 765 28.19 -7.39 5.51
N ALA A 766 27.26 -7.52 4.56
CA ALA A 766 27.31 -8.50 3.49
C ALA A 766 27.60 -7.72 2.21
N VAL A 767 28.75 -8.02 1.61
CA VAL A 767 29.31 -7.31 0.46
C VAL A 767 29.30 -8.21 -0.77
N ALA A 768 28.41 -7.93 -1.71
CA ALA A 768 28.25 -8.73 -2.92
C ALA A 768 29.03 -8.09 -4.06
N LEU A 769 30.20 -8.62 -4.36
CA LEU A 769 31.07 -8.01 -5.37
C LEU A 769 30.55 -8.30 -6.79
N THR A 770 30.66 -7.29 -7.65
CA THR A 770 30.59 -7.53 -9.08
C THR A 770 31.81 -8.30 -9.47
N LYS A 771 31.81 -8.81 -10.69
CA LYS A 771 32.98 -9.45 -11.29
C LYS A 771 34.22 -8.55 -11.23
N GLY A 772 34.04 -7.26 -11.51
CA GLY A 772 35.11 -6.27 -11.36
C GLY A 772 35.41 -5.79 -9.94
N GLY A 773 34.86 -6.42 -8.91
CA GLY A 773 35.17 -6.08 -7.51
C GLY A 773 34.49 -4.85 -6.90
N GLU A 774 33.33 -4.46 -7.43
CA GLU A 774 32.64 -3.25 -7.01
C GLU A 774 31.41 -3.61 -6.19
N ALA A 775 31.11 -2.78 -5.20
CA ALA A 775 29.81 -2.80 -4.53
C ALA A 775 29.57 -1.48 -3.76
N ARG A 776 28.29 -1.21 -3.52
CA ARG A 776 27.88 0.01 -2.82
C ARG A 776 26.67 -0.29 -1.95
N GLY A 777 26.65 0.27 -0.75
CA GLY A 777 25.44 0.25 0.04
C GLY A 777 25.40 1.36 1.05
N GLU A 778 24.40 1.30 1.92
CA GLU A 778 24.17 2.38 2.86
C GLU A 778 23.48 1.94 4.13
N LEU A 779 23.64 2.75 5.17
CA LEU A 779 22.95 2.60 6.44
C LEU A 779 22.41 3.95 6.89
N PHE A 780 21.14 3.97 7.28
CA PHE A 780 20.51 5.09 7.99
C PHE A 780 20.20 4.68 9.43
N TRP A 781 20.59 5.49 10.40
CA TRP A 781 20.38 5.15 11.80
C TRP A 781 20.00 6.37 12.60
N ASP A 782 18.90 6.25 13.33
CA ASP A 782 18.47 7.27 14.29
C ASP A 782 18.08 6.57 15.60
N ASP A 783 17.37 7.26 16.51
CA ASP A 783 17.00 6.63 17.78
C ASP A 783 15.81 5.66 17.69
N GLY A 784 15.25 5.51 16.49
CA GLY A 784 14.20 4.54 16.26
C GLY A 784 12.79 4.99 16.50
N GLU A 785 12.56 6.14 17.15
CA GLU A 785 11.16 6.58 17.40
C GLU A 785 10.84 8.06 17.53
N SER A 786 11.84 8.95 17.61
CA SER A 786 11.55 10.37 17.78
C SER A 786 10.95 11.01 16.57
N LEU A 787 10.22 12.10 16.85
CA LEU A 787 9.65 12.96 15.81
C LEU A 787 10.72 13.89 15.28
N GLU A 788 10.52 14.35 14.04
CA GLU A 788 11.34 15.40 13.39
C GLU A 788 12.85 15.12 13.34
N VAL A 789 13.21 13.85 13.23
CA VAL A 789 14.60 13.43 13.19
C VAL A 789 15.35 14.12 12.05
N LEU A 790 14.80 14.09 10.84
CA LEU A 790 15.51 14.61 9.67
C LEU A 790 15.64 16.13 9.75
N GLU A 791 14.56 16.78 10.15
CA GLU A 791 14.53 18.22 10.33
C GLU A 791 15.59 18.64 11.34
N ARG A 792 15.77 17.86 12.40
CA ARG A 792 16.73 18.19 13.45
C ARG A 792 18.15 17.63 13.24
N GLY A 793 18.35 16.80 12.22
CA GLY A 793 19.65 16.19 11.96
C GLY A 793 20.09 15.17 12.99
N ALA A 794 19.13 14.55 13.68
CA ALA A 794 19.43 13.57 14.73
C ALA A 794 19.53 12.15 14.16
N TYR A 795 20.41 11.99 13.18
CA TYR A 795 20.60 10.71 12.53
C TYR A 795 22.01 10.55 11.98
N THR A 796 22.40 9.30 11.81
CA THR A 796 23.66 8.94 11.20
C THR A 796 23.36 8.29 9.86
N GLN A 797 24.21 8.59 8.89
CA GLN A 797 24.06 8.08 7.52
C GLN A 797 25.45 7.75 6.99
N VAL A 798 25.63 6.50 6.57
CA VAL A 798 26.92 6.01 6.16
C VAL A 798 26.77 5.27 4.83
N ILE A 799 27.72 5.51 3.93
CA ILE A 799 27.82 4.79 2.68
C ILE A 799 28.98 3.81 2.79
N PHE A 800 28.81 2.62 2.23
CA PHE A 800 29.86 1.59 2.14
C PHE A 800 30.24 1.41 0.67
N LEU A 801 31.54 1.28 0.41
CA LEU A 801 32.03 1.10 -0.96
C LEU A 801 33.07 0.01 -1.00
N ALA A 802 32.89 -1.01 -1.84
CA ALA A 802 33.94 -1.96 -2.14
C ALA A 802 34.52 -1.63 -3.53
N ARG A 803 35.85 -1.70 -3.62
CA ARG A 803 36.57 -1.40 -4.87
C ARG A 803 37.99 -1.93 -4.73
N ASN A 804 38.48 -2.61 -5.76
CA ASN A 804 39.90 -2.98 -5.79
C ASN A 804 40.38 -3.66 -4.50
N ASN A 805 39.63 -4.67 -4.05
CA ASN A 805 39.95 -5.42 -2.85
C ASN A 805 40.03 -4.59 -1.56
N THR A 806 39.29 -3.49 -1.51
CA THR A 806 39.12 -2.74 -0.27
C THR A 806 37.64 -2.51 -0.02
N ILE A 807 37.28 -2.37 1.25
CA ILE A 807 35.95 -1.94 1.68
C ILE A 807 36.16 -0.75 2.60
N VAL A 808 35.43 0.35 2.36
CA VAL A 808 35.52 1.56 3.17
C VAL A 808 34.12 2.04 3.47
N ASN A 809 34.00 2.81 4.54
CA ASN A 809 32.81 3.61 4.78
C ASN A 809 33.06 5.09 4.39
N GLU A 810 31.98 5.78 4.09
CA GLU A 810 32.00 7.19 3.79
C GLU A 810 30.96 7.82 4.71
N LEU A 811 31.38 8.81 5.48
CA LEU A 811 30.56 9.33 6.57
C LEU A 811 29.78 10.52 6.04
N VAL A 812 28.50 10.33 5.76
CA VAL A 812 27.66 11.41 5.26
C VAL A 812 27.21 12.28 6.44
N ARG A 813 26.77 11.65 7.51
CA ARG A 813 26.48 12.35 8.72
C ARG A 813 26.69 11.39 9.87
N VAL A 814 27.28 11.89 10.94
CA VAL A 814 27.52 11.10 12.11
C VAL A 814 27.08 11.92 13.33
N THR A 815 26.22 11.32 14.16
CA THR A 815 25.69 11.95 15.36
C THR A 815 25.75 10.98 16.52
N SER A 816 25.35 11.47 17.70
CA SER A 816 25.28 10.65 18.93
C SER A 816 24.50 9.33 18.71
N GLU A 817 23.35 9.40 18.07
CA GLU A 817 22.60 8.17 17.74
C GLU A 817 23.25 7.62 16.49
N GLY A 818 24.16 6.67 16.66
CA GLY A 818 24.96 6.14 15.55
C GLY A 818 26.43 5.96 15.84
N ALA A 819 26.94 6.74 16.79
CA ALA A 819 28.36 6.70 17.12
C ALA A 819 28.78 5.49 17.98
N GLY A 820 27.82 4.75 18.53
CA GLY A 820 28.14 3.54 19.30
C GLY A 820 28.11 2.26 18.50
N LEU A 821 27.78 2.35 17.21
CA LEU A 821 27.53 1.15 16.39
C LEU A 821 28.81 0.44 16.03
N GLN A 822 28.89 -0.81 16.51
CA GLN A 822 30.05 -1.67 16.41
C GLN A 822 29.92 -2.54 15.16
N LEU A 823 30.93 -2.52 14.30
CA LEU A 823 30.98 -3.41 13.15
C LEU A 823 31.93 -4.52 13.51
N GLN A 824 31.41 -5.75 13.55
CA GLN A 824 32.22 -6.90 13.99
C GLN A 824 32.43 -7.99 12.95
N LYS A 825 31.68 -7.95 11.85
CA LYS A 825 31.81 -8.96 10.80
C LYS A 825 31.67 -8.37 9.39
N VAL A 826 32.56 -8.76 8.48
CA VAL A 826 32.47 -8.37 7.07
C VAL A 826 32.54 -9.64 6.23
N THR A 827 31.44 -9.92 5.52
CA THR A 827 31.33 -11.10 4.68
C THR A 827 31.34 -10.63 3.23
N VAL A 828 32.30 -11.13 2.46
CA VAL A 828 32.49 -10.71 1.07
C VAL A 828 32.18 -11.89 0.14
N LEU A 829 31.26 -11.66 -0.81
CA LEU A 829 30.80 -12.66 -1.75
C LEU A 829 31.38 -12.40 -3.13
N GLY A 830 31.78 -13.48 -3.80
CA GLY A 830 32.43 -13.41 -5.12
C GLY A 830 33.92 -13.12 -5.06
N VAL A 831 34.60 -13.65 -4.03
CA VAL A 831 36.05 -13.50 -3.92
C VAL A 831 36.65 -14.76 -4.57
N ALA A 832 37.26 -14.57 -5.72
CA ALA A 832 37.67 -15.68 -6.58
C ALA A 832 38.87 -16.47 -6.04
N THR A 833 39.83 -15.74 -5.46
CA THR A 833 41.05 -16.35 -4.97
C THR A 833 41.17 -16.17 -3.45
N ALA A 834 41.66 -17.20 -2.79
CA ALA A 834 41.86 -17.16 -1.35
C ALA A 834 42.90 -16.08 -1.04
N PRO A 835 42.58 -15.15 -0.12
CA PRO A 835 43.59 -14.14 0.22
C PRO A 835 44.77 -14.72 0.98
N GLN A 836 45.96 -14.23 0.70
CA GLN A 836 47.13 -14.49 1.55
C GLN A 836 47.11 -13.64 2.83
N GLN A 837 46.50 -12.45 2.77
CA GLN A 837 46.36 -11.60 3.96
C GLN A 837 45.12 -10.71 3.90
N VAL A 838 44.55 -10.46 5.07
CA VAL A 838 43.42 -9.58 5.25
C VAL A 838 43.78 -8.54 6.33
N LEU A 839 43.56 -7.27 6.01
CA LEU A 839 43.96 -6.15 6.89
C LEU A 839 42.74 -5.35 7.26
N SER A 840 42.71 -4.87 8.51
CA SER A 840 41.72 -3.92 9.00
C SER A 840 42.48 -2.73 9.55
N ASN A 841 42.30 -1.57 8.91
CA ASN A 841 43.04 -0.35 9.25
C ASN A 841 44.55 -0.58 9.28
N GLY A 842 45.02 -1.39 8.34
CA GLY A 842 46.44 -1.66 8.15
C GLY A 842 47.02 -2.81 8.96
N VAL A 843 46.20 -3.42 9.82
CA VAL A 843 46.64 -4.43 10.77
C VAL A 843 46.04 -5.77 10.38
N PRO A 844 46.86 -6.84 10.32
CA PRO A 844 46.29 -8.17 10.03
C PRO A 844 45.14 -8.51 10.99
N VAL A 845 44.02 -9.02 10.45
CA VAL A 845 42.84 -9.22 11.28
C VAL A 845 43.01 -10.41 12.21
N SER A 846 42.27 -10.40 13.33
CA SER A 846 42.30 -11.47 14.33
C SER A 846 41.99 -12.84 13.71
N ASN A 847 40.95 -12.87 12.86
CA ASN A 847 40.50 -14.10 12.21
C ASN A 847 39.67 -13.87 10.93
N PHE A 848 39.96 -14.65 9.90
CA PHE A 848 39.13 -14.70 8.71
C PHE A 848 39.06 -16.13 8.21
N THR A 849 38.00 -16.47 7.49
CA THR A 849 37.92 -17.76 6.78
C THR A 849 37.61 -17.49 5.32
N TYR A 850 38.14 -18.33 4.44
CA TYR A 850 37.78 -18.33 3.04
C TYR A 850 37.30 -19.74 2.70
N SER A 851 36.19 -19.81 1.97
CA SER A 851 35.68 -21.07 1.42
C SER A 851 35.91 -21.08 -0.10
N PRO A 852 36.82 -21.93 -0.60
CA PRO A 852 36.98 -22.01 -2.07
C PRO A 852 35.74 -22.51 -2.85
N ASP A 853 34.83 -23.22 -2.20
CA ASP A 853 33.62 -23.73 -2.86
C ASP A 853 32.52 -22.67 -3.03
N THR A 854 32.34 -21.79 -2.04
CA THR A 854 31.31 -20.74 -2.14
C THR A 854 31.84 -19.40 -2.59
N LYS A 855 33.16 -19.26 -2.62
CA LYS A 855 33.84 -17.98 -2.89
C LYS A 855 33.53 -16.89 -1.84
N VAL A 856 33.37 -17.29 -0.58
CA VAL A 856 33.01 -16.36 0.48
C VAL A 856 34.21 -16.15 1.38
N LEU A 857 34.54 -14.87 1.58
CA LEU A 857 35.57 -14.42 2.52
C LEU A 857 34.85 -13.82 3.70
N ASP A 858 35.07 -14.36 4.90
CA ASP A 858 34.37 -13.93 6.09
C ASP A 858 35.43 -13.41 7.06
N ILE A 859 35.23 -12.19 7.56
CA ILE A 859 36.27 -11.44 8.27
C ILE A 859 35.72 -10.95 9.61
N CYS A 860 36.39 -11.31 10.72
CA CYS A 860 36.13 -10.69 12.03
C CYS A 860 36.92 -9.39 12.15
N VAL A 861 36.23 -8.34 12.57
CA VAL A 861 36.80 -7.02 12.73
C VAL A 861 36.27 -6.40 14.01
N SER A 862 36.92 -5.34 14.48
CA SER A 862 36.46 -4.55 15.61
CA SER A 862 36.42 -4.55 15.59
C SER A 862 36.49 -3.09 15.16
N LEU A 863 35.42 -2.67 14.48
CA LEU A 863 35.32 -1.34 13.85
C LEU A 863 34.08 -0.63 14.29
N LEU A 864 33.93 0.61 13.85
CA LEU A 864 32.81 1.44 14.25
C LEU A 864 32.19 2.00 12.99
N MET A 865 30.87 1.86 12.82
CA MET A 865 30.18 2.39 11.64
C MET A 865 30.43 3.88 11.40
N GLY A 866 30.54 4.63 12.48
CA GLY A 866 30.72 6.08 12.41
C GLY A 866 32.13 6.61 12.39
N GLU A 867 33.15 5.74 12.35
CA GLU A 867 34.54 6.15 12.17
C GLU A 867 35.11 5.51 10.92
N GLN A 868 35.89 6.28 10.17
CA GLN A 868 36.41 5.83 8.89
C GLN A 868 37.29 4.62 9.08
N PHE A 869 37.02 3.60 8.27
CA PHE A 869 37.82 2.38 8.26
C PHE A 869 38.19 2.01 6.82
N LEU A 870 39.23 1.16 6.69
CA LEU A 870 39.58 0.54 5.42
C LEU A 870 39.92 -0.92 5.68
N VAL A 871 39.13 -1.81 5.11
CA VAL A 871 39.40 -3.25 5.17
C VAL A 871 39.92 -3.66 3.80
N SER A 872 40.98 -4.47 3.74
CA SER A 872 41.56 -4.90 2.46
C SER A 872 42.02 -6.35 2.49
N TRP A 873 42.19 -6.92 1.32
CA TRP A 873 42.74 -8.27 1.18
C TRP A 873 43.51 -8.44 -0.14
N CYS A 874 44.43 -9.40 -0.16
CA CYS A 874 45.12 -9.80 -1.39
C CYS A 874 45.68 -11.20 -1.23
#